data_9BHM
#
_entry.id   9BHM
#
_cell.length_a   1.00
_cell.length_b   1.00
_cell.length_c   1.00
_cell.angle_alpha   90.00
_cell.angle_beta   90.00
_cell.angle_gamma   90.00
#
_symmetry.space_group_name_H-M   'P 1'
#
loop_
_entity.id
_entity.type
_entity.pdbx_description
1 polymer 'Ovarian cancer G-protein coupled receptor 1'
2 polymer 'Guanine nucleotide-binding protein G(s) subunit alpha isoforms short'
3 polymer 'Guanine nucleotide-binding protein G(I)/G(S)/G(T) subunit beta-1'
4 polymer 'Nanobody 35'
5 non-polymer 'CHOLESTEROL HEMISUCCINATE'
#
loop_
_entity_poly.entity_id
_entity_poly.type
_entity_poly.pdbx_seq_one_letter_code
_entity_poly.pdbx_strand_id
1 'polypeptide(L)'
;DYKDDDDASIDMGNITADNSSMSCTIDHTIHQTLAPVVYVTVLVVGFPANCLSLYFGYLQIKARNELGVYLCNLTVADLF
YICSLPFWLQYVLQHDNWSHGDLSCQVCGILLYENIYISVGFLCCISVDRYLAVAHPFRFHQFRTLKAAVGVSVVIWAKE
LLTSIYFLMHEEVIEDENQHRVCFEHYPIQAWQRAINYYRFLVGFLFPICLLLASYQGILRAVRRSHGTQKSRKDQIQRL
VLSTVVIFLACFLPYHVLLLVRSVWEASCDFAKGVFNAYHFSLLLTSFNCVADPVLYCFVSETTHRDLARLRGACLAFLT
CSRTGRAREAYPLGAPEASGKSGAQGEEPELLTKLHPAFQTPNSPGSGGFPTGRLA
;
R
2 'polypeptide(L)'
;GGSLEVLFQGPSGNSKTEDQRNEEKAQREANKKIEKQLQKDKQVYRATHRLLLLGADNSGKSTIVKQMRILHGGSGGSGG
TSGIFETKFQVDKVNFHMFDVGGQRDERRKWIQCFNDVTAIIFVVDSSDYNRLQEALNLFKSIWNNRWLRTISVILFLNK
QDLLAEKVLAGKSKIEDYFPEFARYTTPEDATPEPGEDPRVTRAKYFIRDEFLRISTASGDGRHYCYPHFTCAVDTENAR
RIFNDCRDIIQRMHLRQYELL
;
A
3 'polypeptide(L)'
;MHHHHHHLEVLFQGPEDQVDPRLIDGKGSSQSELDQLRQEAEQLKNQIRDARKACADATLSQITNNIDPVGRIQMRTRRT
LRGHLAKIYAMHWGTDSRLLVSASQDGKLIIWDSYTTNKVHAIPLRSSWVMTCAYAPSGNYVACGGLDNICSIYNLKTRE
GNVRVSRELAGHTGYLSCCRFLDDNQIVTSSGDTTCALWDIETGQQTTTFTGHTGDVMSLSLAPDTRLFVSGACDASAKL
WDVREGMCRQTFTGHESDINAICFFPNGNAFATGSDDATCRLFDLRADQELMTYSHDNIICGITSVSFSKSGRLLLAGYD
DFNCNVWDALKADRAGVLAGHDNRVSCLGVTDDGMAVATGSWDSFLKIWN
;
B
4 'polypeptide(L)'
;QVQLQESGGGLVQPGGSLRLSCAASGFTFSNYKMNWVRQAPGKGLEWVSDISQSGASISYTGSVKGRFTISRDNAKNTLY
LQMNSLKPEDTAVYYCARCPAPFTRDCFDVTSTTYAYRGQGTQVTVSSGSEDQVDPRLIDGK
;
N
#
loop_
_chem_comp.id
_chem_comp.type
_chem_comp.name
_chem_comp.formula
Y01 non-polymer 'CHOLESTEROL HEMISUCCINATE' 'C31 H50 O4'
#
# COMPACT_ATOMS: atom_id res chain seq x y z
N CYS A 24 35.61 -54.55 -9.60
CA CYS A 24 35.85 -53.11 -9.77
C CYS A 24 35.91 -52.42 -8.42
N THR A 25 37.11 -52.34 -7.85
CA THR A 25 37.33 -51.69 -6.57
C THR A 25 37.83 -50.28 -6.80
N ILE A 26 37.22 -49.31 -6.12
CA ILE A 26 37.49 -47.89 -6.32
C ILE A 26 38.07 -47.33 -5.02
N ASP A 27 39.20 -46.63 -5.13
CA ASP A 27 39.78 -45.92 -4.00
C ASP A 27 38.94 -44.67 -3.77
N HIS A 28 38.04 -44.74 -2.78
CA HIS A 28 37.10 -43.65 -2.50
C HIS A 28 37.57 -42.76 -1.36
N THR A 29 38.89 -42.53 -1.26
CA THR A 29 39.43 -41.69 -0.20
C THR A 29 38.95 -40.24 -0.31
N ILE A 30 38.51 -39.82 -1.50
CA ILE A 30 38.05 -38.44 -1.66
C ILE A 30 36.84 -38.17 -0.79
N HIS A 31 35.98 -39.18 -0.61
CA HIS A 31 34.82 -39.03 0.26
C HIS A 31 35.25 -38.69 1.68
N GLN A 32 36.10 -39.53 2.27
CA GLN A 32 36.52 -39.31 3.65
C GLN A 32 37.30 -38.01 3.79
N THR A 33 38.10 -37.65 2.78
CA THR A 33 38.94 -36.46 2.89
C THR A 33 38.17 -35.16 2.71
N LEU A 34 37.10 -35.14 1.89
CA LEU A 34 36.47 -33.88 1.54
C LEU A 34 35.01 -33.80 1.94
N ALA A 35 34.24 -34.88 1.77
CA ALA A 35 32.79 -34.80 1.95
C ALA A 35 32.36 -34.38 3.36
N PRO A 36 32.88 -34.97 4.44
CA PRO A 36 32.27 -34.69 5.77
C PRO A 36 32.19 -33.22 6.14
N VAL A 37 33.24 -32.44 5.85
CA VAL A 37 33.19 -31.02 6.18
C VAL A 37 32.15 -30.32 5.33
N VAL A 38 32.05 -30.69 4.05
CA VAL A 38 31.05 -30.08 3.17
C VAL A 38 29.65 -30.37 3.70
N TYR A 39 29.38 -31.63 4.06
CA TYR A 39 28.07 -31.99 4.58
C TYR A 39 27.75 -31.28 5.88
N VAL A 40 28.73 -31.21 6.80
CA VAL A 40 28.49 -30.56 8.08
C VAL A 40 28.17 -29.09 7.87
N THR A 41 28.96 -28.40 7.05
CA THR A 41 28.70 -26.99 6.78
C THR A 41 27.35 -26.81 6.10
N VAL A 42 27.01 -27.67 5.14
CA VAL A 42 25.75 -27.53 4.43
C VAL A 42 24.58 -27.68 5.40
N LEU A 43 24.63 -28.68 6.28
CA LEU A 43 23.60 -28.80 7.30
C LEU A 43 23.52 -27.54 8.14
N VAL A 44 24.60 -27.23 8.87
CA VAL A 44 24.55 -26.19 9.88
C VAL A 44 24.29 -24.81 9.29
N VAL A 45 24.48 -24.63 7.98
CA VAL A 45 24.19 -23.36 7.36
C VAL A 45 22.77 -23.36 6.79
N GLY A 46 22.50 -24.31 5.89
CA GLY A 46 21.24 -24.27 5.17
C GLY A 46 20.03 -24.51 6.05
N PHE A 47 20.12 -25.49 6.96
CA PHE A 47 18.91 -25.88 7.69
C PHE A 47 18.25 -24.72 8.43
N PRO A 48 18.96 -23.95 9.27
CA PRO A 48 18.31 -22.75 9.83
C PRO A 48 17.95 -21.74 8.76
N ALA A 49 18.81 -21.59 7.74
CA ALA A 49 18.49 -20.69 6.64
C ALA A 49 17.26 -21.17 5.89
N ASN A 50 17.13 -22.48 5.70
CA ASN A 50 15.95 -23.02 5.03
C ASN A 50 14.69 -22.79 5.84
N CYS A 51 14.76 -22.96 7.16
CA CYS A 51 13.59 -22.64 7.98
C CYS A 51 13.24 -21.16 7.90
N LEU A 52 14.24 -20.29 7.91
CA LEU A 52 13.96 -18.86 7.78
C LEU A 52 13.32 -18.54 6.45
N SER A 53 13.81 -19.15 5.37
CA SER A 53 13.23 -18.92 4.05
C SER A 53 11.80 -19.43 3.98
N LEU A 54 11.52 -20.57 4.62
CA LEU A 54 10.15 -21.07 4.69
C LEU A 54 9.26 -20.09 5.44
N TYR A 55 9.76 -19.53 6.54
CA TYR A 55 8.97 -18.57 7.31
C TYR A 55 8.65 -17.33 6.47
N PHE A 56 9.65 -16.81 5.76
CA PHE A 56 9.42 -15.62 4.95
C PHE A 56 8.55 -15.92 3.73
N GLY A 57 8.65 -17.13 3.17
CA GLY A 57 7.74 -17.52 2.12
C GLY A 57 6.30 -17.59 2.61
N TYR A 58 6.09 -18.11 3.81
CA TYR A 58 4.75 -18.11 4.39
C TYR A 58 4.26 -16.69 4.62
N LEU A 59 5.16 -15.80 5.04
CA LEU A 59 4.80 -14.39 5.14
C LEU A 59 4.35 -13.83 3.78
N GLN A 60 5.05 -14.21 2.71
CA GLN A 60 4.61 -13.81 1.38
C GLN A 60 3.26 -14.44 1.02
N ILE A 61 2.99 -15.63 1.55
CA ILE A 61 1.68 -16.25 1.37
C ILE A 61 0.60 -15.41 2.04
N LYS A 62 0.92 -14.82 3.19
CA LYS A 62 -0.06 -13.98 3.89
C LYS A 62 -0.55 -12.87 2.98
N ALA A 63 0.35 -12.22 2.24
CA ALA A 63 -0.05 -11.31 1.19
C ALA A 63 -0.47 -12.10 -0.05
N ARG A 64 -1.23 -11.44 -0.92
CA ARG A 64 -1.69 -12.08 -2.15
C ARG A 64 -0.57 -12.09 -3.19
N ASN A 65 0.49 -12.83 -2.86
CA ASN A 65 1.69 -12.90 -3.69
C ASN A 65 1.86 -14.33 -4.18
N GLU A 66 1.98 -14.49 -5.50
CA GLU A 66 2.17 -15.82 -6.07
C GLU A 66 3.59 -16.32 -5.90
N LEU A 67 4.56 -15.40 -5.85
CA LEU A 67 5.95 -15.78 -5.63
C LEU A 67 6.15 -16.48 -4.30
N GLY A 68 5.31 -16.17 -3.30
CA GLY A 68 5.42 -16.83 -2.02
C GLY A 68 5.22 -18.33 -2.11
N VAL A 69 4.26 -18.76 -2.93
CA VAL A 69 4.02 -20.20 -3.12
C VAL A 69 5.28 -20.85 -3.67
N TYR A 70 5.90 -20.22 -4.67
CA TYR A 70 7.08 -20.82 -5.28
C TYR A 70 8.25 -20.90 -4.31
N LEU A 71 8.47 -19.86 -3.50
CA LEU A 71 9.53 -19.96 -2.49
C LEU A 71 9.22 -20.98 -1.41
N CYS A 72 7.96 -21.08 -0.96
CA CYS A 72 7.64 -22.12 0.01
C CYS A 72 7.92 -23.50 -0.55
N ASN A 73 7.53 -23.73 -1.81
CA ASN A 73 7.78 -25.01 -2.45
C ASN A 73 9.27 -25.26 -2.61
N LEU A 74 10.02 -24.25 -3.02
CA LEU A 74 11.46 -24.40 -3.21
C LEU A 74 12.15 -24.75 -1.90
N THR A 75 11.79 -24.06 -0.82
CA THR A 75 12.46 -24.31 0.44
C THR A 75 12.05 -25.64 1.06
N VAL A 76 10.81 -26.10 0.84
CA VAL A 76 10.46 -27.42 1.34
C VAL A 76 11.18 -28.49 0.53
N ALA A 77 11.37 -28.27 -0.77
CA ALA A 77 12.18 -29.20 -1.55
C ALA A 77 13.62 -29.23 -1.05
N ASP A 78 14.19 -28.07 -0.74
CA ASP A 78 15.55 -28.04 -0.22
C ASP A 78 15.65 -28.68 1.16
N LEU A 79 14.61 -28.53 2.00
CA LEU A 79 14.60 -29.23 3.27
C LEU A 79 14.55 -30.74 3.08
N PHE A 80 13.76 -31.20 2.11
CA PHE A 80 13.75 -32.63 1.80
C PHE A 80 15.13 -33.08 1.33
N TYR A 81 15.85 -32.23 0.60
CA TYR A 81 17.22 -32.54 0.22
C TYR A 81 18.13 -32.65 1.44
N ILE A 82 17.95 -31.74 2.40
CA ILE A 82 18.71 -31.80 3.65
C ILE A 82 18.45 -33.13 4.35
N CYS A 83 17.20 -33.58 4.35
CA CYS A 83 16.84 -34.78 5.11
C CYS A 83 17.73 -35.96 4.77
N SER A 84 18.11 -36.12 3.50
CA SER A 84 18.92 -37.26 3.08
C SER A 84 20.39 -37.12 3.45
N LEU A 85 20.84 -35.90 3.74
CA LEU A 85 22.28 -35.68 3.93
C LEU A 85 22.88 -36.41 5.13
N PRO A 86 22.25 -36.47 6.31
CA PRO A 86 22.89 -37.20 7.42
C PRO A 86 23.17 -38.67 7.10
N PHE A 87 22.30 -39.32 6.33
CA PHE A 87 22.55 -40.71 5.97
C PHE A 87 23.77 -40.84 5.06
N TRP A 88 23.92 -39.94 4.10
CA TRP A 88 25.12 -39.98 3.26
C TRP A 88 26.36 -39.61 4.05
N LEU A 89 26.22 -38.75 5.07
CA LEU A 89 27.35 -38.42 5.93
C LEU A 89 27.80 -39.64 6.72
N GLN A 90 26.84 -40.38 7.29
CA GLN A 90 27.17 -41.61 7.99
C GLN A 90 27.75 -42.64 7.02
N TYR A 91 27.31 -42.60 5.76
CA TYR A 91 27.83 -43.52 4.76
C TYR A 91 29.29 -43.24 4.43
N VAL A 92 29.63 -41.97 4.19
CA VAL A 92 31.02 -41.63 3.87
C VAL A 92 31.91 -41.82 5.09
N LEU A 93 31.40 -41.51 6.28
CA LEU A 93 32.17 -41.75 7.50
C LEU A 93 32.34 -43.23 7.81
N GLN A 94 31.61 -44.11 7.12
CA GLN A 94 31.73 -45.55 7.28
C GLN A 94 32.61 -46.16 6.20
N HIS A 95 33.48 -45.36 5.58
CA HIS A 95 34.33 -45.79 4.48
C HIS A 95 33.49 -46.29 3.30
N ASP A 96 32.41 -45.56 2.99
CA ASP A 96 31.59 -45.82 1.82
C ASP A 96 31.04 -47.25 1.81
N ASN A 97 30.33 -47.58 2.87
CA ASN A 97 29.67 -48.88 3.03
C ASN A 97 28.27 -48.63 3.56
N TRP A 98 27.26 -48.98 2.77
CA TRP A 98 25.87 -48.86 3.20
C TRP A 98 25.55 -49.95 4.21
N SER A 99 24.94 -49.57 5.32
CA SER A 99 24.63 -50.50 6.40
C SER A 99 23.14 -50.60 6.71
N HIS A 100 22.39 -49.52 6.52
CA HIS A 100 20.97 -49.53 6.79
C HIS A 100 20.23 -50.41 5.78
N GLY A 101 18.92 -50.53 5.98
CA GLY A 101 18.12 -51.30 5.05
C GLY A 101 18.07 -50.66 3.68
N ASP A 102 17.78 -51.48 2.67
CA ASP A 102 17.77 -51.00 1.30
C ASP A 102 16.71 -49.92 1.07
N LEU A 103 15.70 -49.85 1.93
CA LEU A 103 14.73 -48.76 1.83
C LEU A 103 15.42 -47.41 2.00
N SER A 104 16.33 -47.32 2.98
CA SER A 104 17.07 -46.09 3.18
C SER A 104 17.93 -45.76 1.96
N CYS A 105 18.58 -46.77 1.38
CA CYS A 105 19.37 -46.55 0.18
C CYS A 105 18.52 -45.98 -0.94
N GLN A 106 17.36 -46.60 -1.19
CA GLN A 106 16.50 -46.13 -2.26
C GLN A 106 16.03 -44.70 -2.02
N VAL A 107 15.53 -44.43 -0.81
CA VAL A 107 14.96 -43.11 -0.56
C VAL A 107 16.03 -42.02 -0.58
N CYS A 108 17.22 -42.31 -0.03
CA CYS A 108 18.28 -41.32 -0.04
C CYS A 108 18.80 -41.08 -1.44
N GLY A 109 18.90 -42.13 -2.25
CA GLY A 109 19.26 -41.93 -3.65
C GLY A 109 18.24 -41.05 -4.36
N ILE A 110 16.95 -41.35 -4.19
CA ILE A 110 15.90 -40.55 -4.81
C ILE A 110 16.05 -39.09 -4.41
N LEU A 111 16.16 -38.82 -3.11
CA LEU A 111 16.27 -37.45 -2.64
C LEU A 111 17.49 -36.77 -3.25
N LEU A 112 18.69 -37.29 -2.94
CA LEU A 112 19.91 -36.59 -3.27
C LEU A 112 20.11 -36.48 -4.78
N TYR A 113 19.48 -37.34 -5.57
CA TYR A 113 19.68 -37.31 -7.01
C TYR A 113 18.50 -36.78 -7.81
N GLU A 114 17.37 -36.48 -7.17
CA GLU A 114 16.21 -35.97 -7.90
C GLU A 114 15.66 -34.67 -7.33
N ASN A 115 15.70 -34.48 -6.01
CA ASN A 115 15.16 -33.26 -5.42
C ASN A 115 15.88 -32.03 -5.94
N ILE A 116 17.11 -32.21 -6.43
CA ILE A 116 17.87 -31.17 -7.10
C ILE A 116 17.01 -30.64 -8.24
N TYR A 117 16.39 -31.54 -8.99
CA TYR A 117 15.63 -31.14 -10.16
C TYR A 117 14.30 -30.50 -9.78
N ILE A 118 13.71 -30.91 -8.67
CA ILE A 118 12.53 -30.22 -8.15
C ILE A 118 12.89 -28.78 -7.81
N SER A 119 14.03 -28.59 -7.14
CA SER A 119 14.49 -27.24 -6.84
C SER A 119 14.75 -26.46 -8.11
N VAL A 120 15.28 -27.12 -9.15
CA VAL A 120 15.57 -26.42 -10.40
C VAL A 120 14.29 -25.93 -11.05
N GLY A 121 13.30 -26.82 -11.21
CA GLY A 121 12.03 -26.41 -11.78
C GLY A 121 11.35 -25.34 -10.94
N PHE A 122 11.59 -25.37 -9.64
CA PHE A 122 10.98 -24.42 -8.73
C PHE A 122 11.61 -23.03 -8.90
N LEU A 123 12.93 -23.01 -9.11
CA LEU A 123 13.62 -21.78 -9.48
C LEU A 123 13.09 -21.24 -10.80
N CYS A 124 12.84 -22.13 -11.77
CA CYS A 124 12.26 -21.69 -13.03
C CYS A 124 10.88 -21.09 -12.83
N CYS A 125 10.08 -21.68 -11.94
CA CYS A 125 8.78 -21.11 -11.64
C CYS A 125 8.92 -19.71 -11.05
N ILE A 126 9.85 -19.54 -10.11
CA ILE A 126 10.07 -18.21 -9.53
C ILE A 126 10.46 -17.21 -10.60
N SER A 127 11.41 -17.59 -11.46
CA SER A 127 11.91 -16.68 -12.48
C SER A 127 10.83 -16.32 -13.50
N VAL A 128 10.03 -17.31 -13.90
CA VAL A 128 8.97 -17.05 -14.88
C VAL A 128 7.89 -16.17 -14.26
N ASP A 129 7.57 -16.38 -12.98
CA ASP A 129 6.62 -15.50 -12.31
C ASP A 129 7.14 -14.07 -12.28
N ARG A 130 8.42 -13.91 -11.93
CA ARG A 130 9.01 -12.57 -11.90
C ARG A 130 8.99 -11.93 -13.28
N TYR A 131 9.29 -12.71 -14.32
CA TYR A 131 9.30 -12.16 -15.68
C TYR A 131 7.90 -11.73 -16.08
N LEU A 132 6.90 -12.59 -15.88
CA LEU A 132 5.54 -12.27 -16.27
C LEU A 132 5.01 -11.08 -15.49
N ALA A 133 5.48 -10.88 -14.26
CA ALA A 133 5.02 -9.74 -13.48
C ALA A 133 5.70 -8.45 -13.92
N VAL A 134 7.03 -8.43 -13.95
CA VAL A 134 7.76 -7.20 -14.20
C VAL A 134 7.65 -6.80 -15.68
N ALA A 135 7.89 -7.75 -16.58
CA ALA A 135 7.91 -7.43 -18.01
C ALA A 135 6.51 -7.16 -18.55
N HIS A 136 5.49 -7.89 -18.09
CA HIS A 136 4.12 -7.74 -18.57
C HIS A 136 3.22 -7.48 -17.37
N PRO A 137 3.24 -6.26 -16.83
CA PRO A 137 2.47 -5.99 -15.61
C PRO A 137 0.97 -5.94 -15.82
N PHE A 138 0.48 -5.93 -17.06
CA PHE A 138 -0.93 -5.71 -17.32
C PHE A 138 -1.65 -6.94 -17.87
N ARG A 139 -0.94 -7.85 -18.53
CA ARG A 139 -1.60 -8.90 -19.30
C ARG A 139 -1.79 -10.21 -18.53
N PHE A 140 -0.71 -10.85 -18.10
CA PHE A 140 -0.79 -12.21 -17.57
C PHE A 140 -1.24 -12.16 -16.11
N HIS A 141 -2.55 -12.07 -15.90
CA HIS A 141 -3.13 -12.02 -14.57
C HIS A 141 -3.68 -13.35 -14.10
N GLN A 142 -4.30 -14.12 -14.99
CA GLN A 142 -4.84 -15.42 -14.60
C GLN A 142 -3.74 -16.39 -14.21
N PHE A 143 -2.62 -16.39 -14.94
CA PHE A 143 -1.53 -17.28 -14.61
C PHE A 143 -0.83 -16.86 -13.32
N ARG A 144 -0.84 -15.57 -13.01
CA ARG A 144 -0.29 -15.08 -11.74
C ARG A 144 -1.37 -15.08 -10.67
N THR A 145 -1.87 -16.28 -10.38
CA THR A 145 -2.86 -16.50 -9.34
C THR A 145 -2.44 -17.70 -8.50
N LEU A 146 -2.91 -17.73 -7.25
CA LEU A 146 -2.54 -18.83 -6.36
C LEU A 146 -3.05 -20.17 -6.88
N LYS A 147 -4.17 -20.16 -7.61
CA LYS A 147 -4.65 -21.40 -8.22
C LYS A 147 -3.65 -21.95 -9.22
N ALA A 148 -3.10 -21.08 -10.06
CA ALA A 148 -2.11 -21.53 -11.04
C ALA A 148 -0.82 -21.98 -10.36
N ALA A 149 -0.43 -21.30 -9.28
CA ALA A 149 0.76 -21.70 -8.54
C ALA A 149 0.58 -23.09 -7.94
N VAL A 150 -0.58 -23.34 -7.33
CA VAL A 150 -0.83 -24.66 -6.78
C VAL A 150 -0.89 -25.70 -7.88
N GLY A 151 -1.46 -25.35 -9.03
CA GLY A 151 -1.51 -26.30 -10.13
C GLY A 151 -0.14 -26.69 -10.64
N VAL A 152 0.73 -25.71 -10.85
CA VAL A 152 2.07 -26.02 -11.34
C VAL A 152 2.87 -26.77 -10.27
N SER A 153 2.66 -26.44 -9.00
CA SER A 153 3.32 -27.19 -7.94
C SER A 153 2.89 -28.66 -7.95
N VAL A 154 1.58 -28.91 -8.10
CA VAL A 154 1.09 -30.28 -8.16
C VAL A 154 1.66 -30.98 -9.38
N VAL A 155 1.79 -30.28 -10.50
CA VAL A 155 2.38 -30.87 -11.70
C VAL A 155 3.82 -31.30 -11.43
N ILE A 156 4.60 -30.43 -10.79
CA ILE A 156 6.00 -30.76 -10.51
C ILE A 156 6.08 -31.96 -9.57
N TRP A 157 5.25 -31.98 -8.54
CA TRP A 157 5.31 -33.10 -7.59
C TRP A 157 4.82 -34.40 -8.22
N ALA A 158 3.87 -34.32 -9.15
CA ALA A 158 3.47 -35.52 -9.88
C ALA A 158 4.60 -36.05 -10.74
N LYS A 159 5.33 -35.16 -11.40
CA LYS A 159 6.52 -35.58 -12.15
C LYS A 159 7.54 -36.22 -11.20
N GLU A 160 7.70 -35.63 -10.01
CA GLU A 160 8.63 -36.17 -9.03
C GLU A 160 8.22 -37.59 -8.63
N LEU A 161 6.94 -37.82 -8.39
CA LEU A 161 6.48 -39.15 -8.05
C LEU A 161 6.71 -40.13 -9.19
N LEU A 162 6.47 -39.70 -10.43
CA LEU A 162 6.71 -40.56 -11.58
C LEU A 162 8.17 -40.99 -11.65
N THR A 163 9.09 -40.03 -11.55
CA THR A 163 10.51 -40.36 -11.60
C THR A 163 10.94 -41.20 -10.41
N SER A 164 10.40 -40.93 -9.22
CA SER A 164 10.76 -41.69 -8.04
C SER A 164 10.33 -43.14 -8.16
N ILE A 165 9.12 -43.39 -8.66
CA ILE A 165 8.66 -44.77 -8.80
C ILE A 165 9.37 -45.45 -9.97
N TYR A 166 9.84 -44.66 -10.95
CA TYR A 166 10.65 -45.24 -12.01
C TYR A 166 11.98 -45.74 -11.47
N PHE A 167 12.70 -44.90 -10.73
CA PHE A 167 13.99 -45.29 -10.18
C PHE A 167 13.85 -46.39 -9.14
N LEU A 168 12.89 -46.24 -8.22
CA LEU A 168 12.83 -47.09 -7.03
C LEU A 168 12.52 -48.54 -7.38
N MET A 169 11.63 -48.77 -8.34
CA MET A 169 11.22 -50.13 -8.66
C MET A 169 12.39 -50.99 -9.14
N HIS A 170 13.47 -50.37 -9.60
CA HIS A 170 14.66 -51.10 -10.03
C HIS A 170 15.36 -51.66 -8.79
N GLU A 171 15.22 -52.97 -8.59
CA GLU A 171 15.77 -53.60 -7.39
C GLU A 171 17.29 -53.63 -7.39
N GLU A 172 17.92 -53.44 -8.54
CA GLU A 172 19.37 -53.46 -8.65
C GLU A 172 20.01 -52.11 -8.35
N VAL A 173 19.30 -51.23 -7.64
CA VAL A 173 19.84 -49.91 -7.35
C VAL A 173 21.04 -49.99 -6.41
N ILE A 174 21.02 -50.96 -5.49
CA ILE A 174 22.10 -51.10 -4.52
C ILE A 174 23.08 -52.16 -4.99
N GLU A 175 24.37 -51.84 -4.92
CA GLU A 175 25.44 -52.73 -5.34
C GLU A 175 26.27 -53.12 -4.12
N ASP A 176 27.06 -54.18 -4.27
CA ASP A 176 27.94 -54.64 -3.21
C ASP A 176 29.28 -55.03 -3.81
N GLU A 177 30.35 -54.40 -3.34
CA GLU A 177 31.70 -54.69 -3.80
C GLU A 177 32.67 -54.54 -2.64
N ASN A 178 33.53 -55.55 -2.45
CA ASN A 178 34.55 -55.54 -1.40
C ASN A 178 33.93 -55.32 -0.02
N GLN A 179 32.83 -56.01 0.24
CA GLN A 179 32.11 -55.96 1.52
C GLN A 179 31.64 -54.56 1.87
N HIS A 180 31.60 -53.66 0.88
CA HIS A 180 31.06 -52.32 1.05
C HIS A 180 29.93 -52.14 0.05
N ARG A 181 28.73 -51.83 0.55
CA ARG A 181 27.58 -51.66 -0.32
C ARG A 181 27.54 -50.23 -0.83
N VAL A 182 27.63 -50.07 -2.14
CA VAL A 182 27.57 -48.76 -2.79
C VAL A 182 26.14 -48.52 -3.26
N CYS A 183 25.56 -47.42 -2.80
CA CYS A 183 24.17 -47.11 -3.11
C CYS A 183 24.08 -46.13 -4.27
N PHE A 184 23.19 -46.43 -5.21
CA PHE A 184 22.84 -45.55 -6.32
C PHE A 184 24.03 -45.26 -7.24
N GLU A 185 25.01 -46.16 -7.27
CA GLU A 185 26.17 -45.97 -8.14
C GLU A 185 26.67 -47.31 -8.62
N HIS A 186 26.81 -47.44 -9.95
CA HIS A 186 27.34 -48.63 -10.58
C HIS A 186 28.63 -48.28 -11.32
N TYR A 187 29.70 -49.00 -11.01
CA TYR A 187 30.97 -48.87 -11.71
C TYR A 187 31.34 -50.22 -12.32
N PRO A 188 31.19 -50.40 -13.65
CA PRO A 188 30.78 -49.37 -14.61
C PRO A 188 29.27 -49.11 -14.63
N ILE A 189 28.87 -48.08 -15.38
CA ILE A 189 27.47 -47.66 -15.38
C ILE A 189 26.59 -48.76 -15.95
N GLN A 190 25.36 -48.85 -15.44
CA GLN A 190 24.39 -49.80 -15.95
C GLN A 190 23.79 -49.28 -17.24
N ALA A 191 23.19 -50.20 -18.00
CA ALA A 191 22.57 -49.82 -19.27
C ALA A 191 21.39 -48.87 -19.04
N TRP A 192 20.47 -49.27 -18.16
CA TRP A 192 19.29 -48.44 -17.93
C TRP A 192 19.66 -47.11 -17.29
N GLN A 193 20.56 -47.13 -16.30
CA GLN A 193 20.95 -45.89 -15.63
C GLN A 193 21.64 -44.95 -16.60
N ARG A 194 22.54 -45.47 -17.44
CA ARG A 194 23.19 -44.63 -18.44
C ARG A 194 22.17 -44.06 -19.42
N ALA A 195 21.22 -44.89 -19.87
CA ALA A 195 20.24 -44.44 -20.84
C ALA A 195 19.36 -43.33 -20.25
N ILE A 196 19.01 -43.44 -18.98
CA ILE A 196 18.12 -42.45 -18.38
C ILE A 196 18.87 -41.23 -17.87
N ASN A 197 20.20 -41.30 -17.72
CA ASN A 197 20.94 -40.09 -17.39
C ASN A 197 20.88 -39.08 -18.51
N TYR A 198 20.71 -39.51 -19.77
CA TYR A 198 20.50 -38.55 -20.84
C TYR A 198 19.24 -37.74 -20.62
N TYR A 199 18.13 -38.43 -20.33
CA TYR A 199 16.89 -37.72 -20.02
C TYR A 199 17.06 -36.84 -18.80
N ARG A 200 17.73 -37.36 -17.76
CA ARG A 200 17.96 -36.58 -16.55
C ARG A 200 18.66 -35.27 -16.87
N PHE A 201 19.87 -35.35 -17.43
CA PHE A 201 20.64 -34.14 -17.73
C PHE A 201 19.87 -33.21 -18.66
N LEU A 202 19.35 -33.74 -19.76
CA LEU A 202 18.65 -32.90 -20.74
C LEU A 202 17.50 -32.16 -20.09
N VAL A 203 16.51 -32.90 -19.60
CA VAL A 203 15.28 -32.28 -19.12
C VAL A 203 15.52 -31.45 -17.87
N GLY A 204 16.54 -31.78 -17.06
CA GLY A 204 16.72 -31.04 -15.83
C GLY A 204 17.77 -29.96 -15.85
N PHE A 205 18.52 -29.83 -16.96
CA PHE A 205 19.47 -28.75 -17.10
C PHE A 205 19.19 -27.87 -18.31
N LEU A 206 19.07 -28.47 -19.50
CA LEU A 206 19.12 -27.69 -20.74
C LEU A 206 17.97 -26.71 -20.85
N PHE A 207 16.77 -27.16 -20.54
CA PHE A 207 15.58 -26.31 -20.66
C PHE A 207 15.44 -25.35 -19.48
N PRO A 208 15.64 -25.81 -18.24
CA PRO A 208 15.59 -24.84 -17.12
C PRO A 208 16.61 -23.72 -17.21
N ILE A 209 17.82 -23.99 -17.69
CA ILE A 209 18.83 -22.93 -17.73
C ILE A 209 18.43 -21.87 -18.73
N CYS A 210 17.94 -22.28 -19.91
CA CYS A 210 17.50 -21.29 -20.89
C CYS A 210 16.27 -20.54 -20.38
N LEU A 211 15.38 -21.22 -19.66
CA LEU A 211 14.26 -20.51 -19.06
C LEU A 211 14.71 -19.44 -18.08
N LEU A 212 15.65 -19.78 -17.18
CA LEU A 212 16.14 -18.80 -16.22
C LEU A 212 16.80 -17.63 -16.92
N LEU A 213 17.65 -17.91 -17.90
CA LEU A 213 18.36 -16.85 -18.61
C LEU A 213 17.37 -15.95 -19.34
N ALA A 214 16.39 -16.54 -20.03
CA ALA A 214 15.42 -15.76 -20.79
C ALA A 214 14.49 -14.95 -19.89
N SER A 215 14.21 -15.43 -18.68
CA SER A 215 13.41 -14.63 -17.77
C SER A 215 14.21 -13.48 -17.18
N TYR A 216 15.45 -13.74 -16.76
CA TYR A 216 16.21 -12.71 -16.09
C TYR A 216 16.74 -11.66 -17.05
N GLN A 217 17.00 -12.01 -18.31
CA GLN A 217 17.35 -10.98 -19.28
C GLN A 217 16.19 -10.03 -19.48
N GLY A 218 14.97 -10.55 -19.56
CA GLY A 218 13.80 -9.70 -19.69
C GLY A 218 13.57 -8.83 -18.47
N ILE A 219 13.80 -9.39 -17.27
CA ILE A 219 13.68 -8.61 -16.05
C ILE A 219 14.69 -7.47 -16.04
N LEU A 220 15.94 -7.75 -16.43
CA LEU A 220 16.95 -6.71 -16.47
C LEU A 220 16.62 -5.65 -17.51
N ARG A 221 16.09 -6.06 -18.66
CA ARG A 221 15.64 -5.09 -19.66
C ARG A 221 14.57 -4.17 -19.08
N ALA A 222 13.58 -4.75 -18.40
CA ALA A 222 12.52 -3.94 -17.82
C ALA A 222 13.06 -2.98 -16.76
N VAL A 223 13.99 -3.44 -15.93
CA VAL A 223 14.54 -2.60 -14.88
C VAL A 223 15.34 -1.45 -15.48
N ARG A 224 16.17 -1.74 -16.48
CA ARG A 224 16.97 -0.67 -17.09
C ARG A 224 16.11 0.28 -17.91
N ARG A 225 14.95 -0.17 -18.40
CA ARG A 225 14.02 0.72 -19.06
C ARG A 225 13.15 1.50 -18.08
N SER A 226 13.16 1.13 -16.79
CA SER A 226 12.36 1.83 -15.80
C SER A 226 12.83 3.26 -15.66
N HIS A 227 11.87 4.18 -15.62
CA HIS A 227 12.16 5.61 -15.57
C HIS A 227 12.00 6.20 -14.18
N GLY A 228 11.27 5.53 -13.28
CA GLY A 228 10.98 6.09 -11.99
C GLY A 228 11.84 5.56 -10.86
N THR A 229 13.03 5.07 -11.18
CA THR A 229 13.94 4.53 -10.18
C THR A 229 15.33 5.12 -10.36
N GLN A 230 16.03 5.31 -9.25
CA GLN A 230 17.36 5.89 -9.30
C GLN A 230 18.40 4.85 -9.73
N LYS A 231 19.59 5.33 -10.07
CA LYS A 231 20.61 4.47 -10.66
C LYS A 231 21.14 3.46 -9.65
N SER A 232 21.26 3.86 -8.37
CA SER A 232 21.82 2.96 -7.37
C SER A 232 20.94 1.72 -7.19
N ARG A 233 19.63 1.90 -7.19
CA ARG A 233 18.74 0.76 -6.98
C ARG A 233 18.78 -0.17 -8.18
N LYS A 234 18.89 0.38 -9.39
CA LYS A 234 19.10 -0.46 -10.57
C LYS A 234 20.40 -1.22 -10.48
N ASP A 235 21.45 -0.58 -9.97
CA ASP A 235 22.73 -1.26 -9.80
C ASP A 235 22.60 -2.42 -8.84
N GLN A 236 21.89 -2.23 -7.73
CA GLN A 236 21.71 -3.33 -6.79
C GLN A 236 20.86 -4.45 -7.39
N ILE A 237 19.85 -4.10 -8.20
CA ILE A 237 19.04 -5.12 -8.84
C ILE A 237 19.88 -5.96 -9.80
N GLN A 238 20.67 -5.30 -10.64
CA GLN A 238 21.48 -6.05 -11.59
C GLN A 238 22.54 -6.87 -10.88
N ARG A 239 23.09 -6.35 -9.77
CA ARG A 239 24.04 -7.14 -8.98
C ARG A 239 23.37 -8.38 -8.41
N LEU A 240 22.15 -8.25 -7.92
CA LEU A 240 21.44 -9.41 -7.38
C LEU A 240 21.17 -10.44 -8.47
N VAL A 241 20.75 -9.99 -9.66
CA VAL A 241 20.45 -10.92 -10.75
C VAL A 241 21.72 -11.65 -11.19
N LEU A 242 22.82 -10.90 -11.35
CA LEU A 242 24.08 -11.55 -11.69
C LEU A 242 24.49 -12.53 -10.61
N SER A 243 24.27 -12.17 -9.34
CA SER A 243 24.63 -13.06 -8.24
C SER A 243 23.86 -14.38 -8.33
N THR A 244 22.55 -14.31 -8.55
CA THR A 244 21.76 -15.54 -8.56
C THR A 244 22.10 -16.39 -9.78
N VAL A 245 22.30 -15.76 -10.94
CA VAL A 245 22.66 -16.54 -12.13
C VAL A 245 24.02 -17.20 -11.95
N VAL A 246 25.00 -16.45 -11.42
CA VAL A 246 26.33 -17.00 -11.21
C VAL A 246 26.28 -18.14 -10.20
N ILE A 247 25.48 -17.99 -9.14
CA ILE A 247 25.34 -19.06 -8.17
C ILE A 247 24.82 -20.33 -8.84
N PHE A 248 23.73 -20.19 -9.61
CA PHE A 248 23.14 -21.37 -10.25
C PHE A 248 24.13 -22.06 -11.19
N LEU A 249 24.78 -21.27 -12.06
CA LEU A 249 25.70 -21.85 -13.03
C LEU A 249 26.90 -22.48 -12.34
N ALA A 250 27.60 -21.72 -11.50
CA ALA A 250 28.79 -22.24 -10.83
C ALA A 250 28.46 -23.36 -9.85
N CYS A 251 27.19 -23.55 -9.51
CA CYS A 251 26.80 -24.66 -8.65
C CYS A 251 26.40 -25.91 -9.43
N PHE A 252 25.87 -25.78 -10.64
CA PHE A 252 25.39 -26.95 -11.37
C PHE A 252 26.24 -27.35 -12.56
N LEU A 253 26.73 -26.40 -13.36
CA LEU A 253 27.41 -26.70 -14.61
C LEU A 253 28.38 -27.88 -14.51
N PRO A 254 29.33 -27.88 -13.55
CA PRO A 254 30.27 -29.02 -13.50
C PRO A 254 29.58 -30.35 -13.27
N TYR A 255 28.56 -30.41 -12.42
CA TYR A 255 27.92 -31.68 -12.12
C TYR A 255 27.26 -32.27 -13.34
N HIS A 256 26.50 -31.47 -14.07
CA HIS A 256 25.77 -31.99 -15.22
C HIS A 256 26.70 -32.27 -16.39
N VAL A 257 27.73 -31.44 -16.58
CA VAL A 257 28.72 -31.73 -17.61
C VAL A 257 29.41 -33.06 -17.34
N LEU A 258 29.80 -33.28 -16.08
CA LEU A 258 30.49 -34.52 -15.75
C LEU A 258 29.52 -35.70 -15.79
N LEU A 259 28.25 -35.48 -15.46
CA LEU A 259 27.26 -36.55 -15.60
C LEU A 259 27.10 -36.95 -17.06
N LEU A 260 27.08 -35.97 -17.96
CA LEU A 260 27.00 -36.26 -19.38
C LEU A 260 28.23 -37.06 -19.84
N VAL A 261 29.43 -36.66 -19.42
CA VAL A 261 30.61 -37.40 -19.86
C VAL A 261 30.66 -38.77 -19.19
N ARG A 262 30.13 -38.89 -17.97
CA ARG A 262 30.05 -40.16 -17.28
C ARG A 262 29.13 -41.13 -18.03
N SER A 263 28.04 -40.61 -18.58
CA SER A 263 27.13 -41.45 -19.35
C SER A 263 27.67 -41.76 -20.74
N VAL A 264 28.41 -40.84 -21.36
CA VAL A 264 28.81 -41.00 -22.75
C VAL A 264 30.18 -41.67 -22.88
N TRP A 265 31.22 -41.01 -22.37
CA TRP A 265 32.58 -41.47 -22.61
C TRP A 265 32.92 -42.71 -21.79
N GLU A 266 32.39 -42.83 -20.58
CA GLU A 266 32.77 -43.93 -19.71
C GLU A 266 32.25 -45.25 -20.25
N ALA A 267 33.14 -46.24 -20.35
CA ALA A 267 32.76 -47.60 -20.71
C ALA A 267 33.51 -48.66 -19.92
N SER A 268 34.34 -48.28 -18.94
CA SER A 268 35.17 -49.23 -18.22
C SER A 268 35.31 -48.78 -16.78
N CYS A 269 35.71 -49.74 -15.93
CA CYS A 269 35.85 -49.45 -14.50
C CYS A 269 36.95 -48.43 -14.23
N ASP A 270 38.04 -48.51 -15.01
CA ASP A 270 39.16 -47.60 -14.79
C ASP A 270 38.76 -46.14 -14.99
N PHE A 271 37.97 -45.87 -16.04
CA PHE A 271 37.51 -44.51 -16.26
C PHE A 271 36.59 -44.05 -15.14
N ALA A 272 35.74 -44.95 -14.65
CA ALA A 272 34.83 -44.60 -13.56
C ALA A 272 35.62 -44.22 -12.30
N LYS A 273 36.62 -45.01 -11.93
CA LYS A 273 37.39 -44.70 -10.74
C LYS A 273 38.28 -43.47 -10.96
N GLY A 274 38.68 -43.21 -12.21
CA GLY A 274 39.40 -42.00 -12.50
C GLY A 274 38.56 -40.75 -12.32
N VAL A 275 37.31 -40.78 -12.79
CA VAL A 275 36.44 -39.61 -12.71
C VAL A 275 35.80 -39.47 -11.33
N PHE A 276 35.81 -40.54 -10.53
CA PHE A 276 35.22 -40.56 -9.18
C PHE A 276 35.40 -39.26 -8.40
N ASN A 277 36.64 -38.76 -8.32
CA ASN A 277 36.92 -37.62 -7.47
C ASN A 277 36.15 -36.39 -7.92
N ALA A 278 36.25 -36.04 -9.21
CA ALA A 278 35.56 -34.87 -9.73
C ALA A 278 34.05 -35.07 -9.69
N TYR A 279 33.59 -36.29 -9.95
CA TYR A 279 32.16 -36.59 -9.86
C TYR A 279 31.61 -36.24 -8.48
N HIS A 280 32.28 -36.73 -7.43
CA HIS A 280 31.74 -36.50 -6.10
C HIS A 280 32.01 -35.08 -5.61
N PHE A 281 33.06 -34.41 -6.11
CA PHE A 281 33.22 -33.00 -5.81
C PHE A 281 32.07 -32.18 -6.41
N SER A 282 31.68 -32.50 -7.64
CA SER A 282 30.53 -31.84 -8.25
C SER A 282 29.24 -32.13 -7.47
N LEU A 283 29.10 -33.36 -6.98
CA LEU A 283 27.95 -33.68 -6.13
C LEU A 283 27.98 -32.84 -4.86
N LEU A 284 29.16 -32.60 -4.29
CA LEU A 284 29.25 -31.74 -3.12
C LEU A 284 28.84 -30.31 -3.45
N LEU A 285 29.18 -29.84 -4.65
CA LEU A 285 28.68 -28.53 -5.08
C LEU A 285 27.15 -28.53 -5.16
N THR A 286 26.58 -29.59 -5.70
CA THR A 286 25.11 -29.70 -5.71
C THR A 286 24.55 -29.70 -4.30
N SER A 287 25.32 -30.18 -3.32
CA SER A 287 24.89 -30.05 -1.93
C SER A 287 24.95 -28.59 -1.48
N PHE A 288 25.99 -27.87 -1.90
CA PHE A 288 26.07 -26.43 -1.61
C PHE A 288 24.91 -25.64 -2.23
N ASN A 289 24.25 -26.21 -3.23
CA ASN A 289 23.09 -25.56 -3.84
C ASN A 289 22.09 -25.12 -2.77
N CYS A 290 21.76 -26.01 -1.84
CA CYS A 290 20.66 -25.79 -0.92
C CYS A 290 21.03 -24.85 0.22
N VAL A 291 22.31 -24.52 0.40
CA VAL A 291 22.65 -23.42 1.28
C VAL A 291 22.75 -22.14 0.47
N ALA A 292 23.00 -22.25 -0.82
CA ALA A 292 23.02 -21.05 -1.66
C ALA A 292 21.62 -20.46 -1.84
N ASP A 293 20.62 -21.32 -2.05
CA ASP A 293 19.27 -20.82 -2.36
C ASP A 293 18.69 -19.92 -1.27
N PRO A 294 18.69 -20.28 0.01
CA PRO A 294 17.93 -19.48 0.99
C PRO A 294 18.40 -18.04 1.10
N VAL A 295 19.69 -17.83 1.32
CA VAL A 295 20.22 -16.46 1.43
C VAL A 295 19.98 -15.70 0.13
N LEU A 296 20.19 -16.38 -1.00
CA LEU A 296 20.13 -15.72 -2.29
C LEU A 296 18.73 -15.24 -2.63
N TYR A 297 17.70 -16.00 -2.23
CA TYR A 297 16.34 -15.66 -2.58
C TYR A 297 15.57 -15.00 -1.45
N CYS A 298 16.11 -14.94 -0.24
CA CYS A 298 15.35 -14.24 0.79
C CYS A 298 16.15 -13.18 1.52
N PHE A 299 17.43 -13.45 1.84
CA PHE A 299 18.13 -12.60 2.78
C PHE A 299 18.60 -11.30 2.15
N VAL A 300 18.95 -11.31 0.86
CA VAL A 300 19.43 -10.10 0.21
C VAL A 300 18.31 -9.07 0.09
N SER A 301 17.07 -9.53 -0.03
CA SER A 301 15.95 -8.63 -0.22
C SER A 301 15.77 -7.71 0.97
N GLU A 302 15.43 -6.45 0.69
CA GLU A 302 15.22 -5.46 1.75
C GLU A 302 13.90 -5.65 2.47
N THR A 303 13.02 -6.52 1.97
CA THR A 303 11.75 -6.78 2.66
C THR A 303 12.00 -7.37 4.04
N THR A 304 12.94 -8.31 4.15
CA THR A 304 13.26 -8.92 5.44
C THR A 304 13.92 -7.93 6.39
N HIS A 305 14.47 -6.84 5.86
CA HIS A 305 15.13 -5.85 6.70
C HIS A 305 14.12 -4.85 7.26
N GLU B 24 -28.65 -25.70 5.88
CA GLU B 24 -27.34 -25.05 5.83
C GLU B 24 -26.75 -25.21 4.44
N LYS B 25 -27.20 -26.24 3.72
CA LYS B 25 -26.72 -26.46 2.35
C LYS B 25 -27.12 -25.31 1.43
N ALA B 26 -28.30 -24.74 1.65
CA ALA B 26 -28.69 -23.56 0.88
C ALA B 26 -27.73 -22.40 1.11
N GLN B 27 -27.36 -22.16 2.37
CA GLN B 27 -26.37 -21.12 2.67
C GLN B 27 -25.04 -21.45 2.02
N ARG B 28 -24.63 -22.72 2.05
CA ARG B 28 -23.35 -23.11 1.47
C ARG B 28 -23.33 -22.86 -0.04
N GLU B 29 -24.39 -23.26 -0.75
CA GLU B 29 -24.42 -23.07 -2.19
C GLU B 29 -24.53 -21.59 -2.56
N ALA B 30 -25.33 -20.83 -1.80
CA ALA B 30 -25.41 -19.40 -2.03
C ALA B 30 -24.05 -18.75 -1.84
N ASN B 31 -23.33 -19.13 -0.78
CA ASN B 31 -21.99 -18.60 -0.57
C ASN B 31 -21.06 -18.97 -1.71
N LYS B 32 -21.10 -20.22 -2.17
CA LYS B 32 -20.24 -20.63 -3.26
C LYS B 32 -20.49 -19.78 -4.50
N LYS B 33 -21.76 -19.55 -4.82
CA LYS B 33 -22.09 -18.63 -5.90
C LYS B 33 -21.54 -17.24 -5.61
N ILE B 34 -21.58 -16.82 -4.34
CA ILE B 34 -21.12 -15.48 -3.99
C ILE B 34 -19.65 -15.32 -4.32
N GLU B 35 -18.80 -16.25 -3.88
CA GLU B 35 -17.39 -16.12 -4.29
C GLU B 35 -17.19 -16.41 -5.77
N LYS B 36 -18.15 -17.05 -6.43
CA LYS B 36 -18.05 -17.14 -7.89
C LYS B 36 -18.09 -15.75 -8.53
N GLN B 37 -19.17 -15.00 -8.29
CA GLN B 37 -19.17 -13.64 -8.84
C GLN B 37 -18.13 -12.75 -8.17
N LEU B 38 -17.68 -13.08 -6.96
CA LEU B 38 -16.62 -12.29 -6.35
C LEU B 38 -15.27 -12.49 -7.01
N GLN B 39 -14.97 -13.70 -7.47
CA GLN B 39 -13.72 -13.88 -8.23
C GLN B 39 -13.87 -13.29 -9.63
N LYS B 40 -15.07 -13.33 -10.21
CA LYS B 40 -15.30 -12.59 -11.44
C LYS B 40 -15.02 -11.10 -11.25
N ASP B 41 -15.54 -10.53 -10.16
CA ASP B 41 -15.32 -9.13 -9.87
C ASP B 41 -13.85 -8.85 -9.54
N LYS B 42 -13.19 -9.81 -8.89
CA LYS B 42 -11.76 -9.65 -8.60
C LYS B 42 -10.95 -9.55 -9.87
N GLN B 43 -11.26 -10.39 -10.87
CA GLN B 43 -10.46 -10.35 -12.09
C GLN B 43 -10.81 -9.14 -12.94
N VAL B 44 -12.08 -8.71 -12.96
CA VAL B 44 -12.39 -7.46 -13.66
C VAL B 44 -11.74 -6.28 -12.96
N TYR B 45 -11.66 -6.32 -11.62
CA TYR B 45 -11.08 -5.23 -10.86
C TYR B 45 -9.58 -5.13 -11.11
N ARG B 46 -8.87 -6.26 -11.04
CA ARG B 46 -7.45 -6.26 -11.38
C ARG B 46 -7.24 -5.89 -12.83
N ALA B 47 -8.23 -6.12 -13.69
CA ALA B 47 -8.15 -5.68 -15.07
C ALA B 47 -8.32 -4.18 -15.23
N THR B 48 -8.71 -3.46 -14.18
CA THR B 48 -8.97 -2.02 -14.25
C THR B 48 -8.04 -1.28 -13.30
N HIS B 49 -7.63 -0.08 -13.70
CA HIS B 49 -6.74 0.75 -12.91
C HIS B 49 -7.40 2.09 -12.63
N ARG B 50 -7.31 2.53 -11.38
CA ARG B 50 -7.94 3.76 -10.93
C ARG B 50 -6.94 4.91 -10.94
N LEU B 51 -7.46 6.11 -11.20
CA LEU B 51 -6.63 7.31 -11.30
C LEU B 51 -7.34 8.46 -10.60
N LEU B 52 -6.54 9.45 -10.19
CA LEU B 52 -7.06 10.65 -9.56
C LEU B 52 -6.61 11.86 -10.37
N LEU B 53 -7.56 12.72 -10.72
CA LEU B 53 -7.30 13.92 -11.51
C LEU B 53 -7.35 15.12 -10.58
N LEU B 54 -6.27 15.89 -10.56
CA LEU B 54 -6.17 17.04 -9.66
C LEU B 54 -5.68 18.26 -10.44
N GLY B 55 -6.10 19.43 -9.98
CA GLY B 55 -5.70 20.67 -10.62
C GLY B 55 -6.60 21.80 -10.19
N ALA B 56 -6.24 22.99 -10.66
CA ALA B 56 -7.00 24.19 -10.34
C ALA B 56 -8.17 24.36 -11.31
N ASP B 57 -9.07 25.29 -10.97
CA ASP B 57 -10.25 25.51 -11.80
C ASP B 57 -9.87 26.00 -13.19
N ASN B 58 -8.92 26.93 -13.27
CA ASN B 58 -8.48 27.42 -14.57
C ASN B 58 -7.67 26.39 -15.35
N SER B 59 -7.21 25.34 -14.69
CA SER B 59 -6.49 24.27 -15.36
C SER B 59 -7.48 23.37 -16.10
N GLY B 60 -7.36 23.31 -17.41
CA GLY B 60 -8.29 22.55 -18.23
C GLY B 60 -8.07 21.06 -18.15
N LYS B 61 -8.35 20.47 -16.98
CA LYS B 61 -8.21 19.02 -16.83
C LYS B 61 -9.25 18.27 -17.64
N SER B 62 -10.41 18.89 -17.87
CA SER B 62 -11.43 18.28 -18.72
C SER B 62 -10.92 18.09 -20.15
N THR B 63 -10.10 19.04 -20.63
CA THR B 63 -9.48 18.88 -21.93
C THR B 63 -8.55 17.68 -21.95
N ILE B 64 -7.80 17.47 -20.87
CA ILE B 64 -6.96 16.28 -20.75
C ILE B 64 -7.83 15.02 -20.78
N VAL B 65 -8.99 15.07 -20.13
CA VAL B 65 -9.93 13.95 -20.17
C VAL B 65 -10.34 13.67 -21.62
N LYS B 66 -10.68 14.71 -22.36
CA LYS B 66 -11.10 14.57 -23.74
C LYS B 66 -9.94 14.11 -24.63
N GLY B 83 -20.95 14.91 -8.39
CA GLY B 83 -20.10 14.13 -7.52
C GLY B 83 -18.73 13.85 -8.12
N ILE B 84 -18.70 13.00 -9.13
CA ILE B 84 -17.47 12.65 -9.83
C ILE B 84 -17.71 12.76 -11.33
N PHE B 85 -16.78 13.41 -12.03
CA PHE B 85 -16.79 13.43 -13.49
C PHE B 85 -16.09 12.16 -13.96
N GLU B 86 -16.82 11.05 -13.86
CA GLU B 86 -16.27 9.74 -14.18
C GLU B 86 -15.85 9.66 -15.64
N THR B 87 -14.73 9.00 -15.89
CA THR B 87 -14.21 8.80 -17.24
C THR B 87 -13.92 7.32 -17.44
N LYS B 88 -14.40 6.77 -18.56
CA LYS B 88 -14.15 5.38 -18.94
C LYS B 88 -13.36 5.40 -20.24
N PHE B 89 -12.05 5.24 -20.14
CA PHE B 89 -11.19 5.15 -21.32
C PHE B 89 -10.24 3.98 -21.15
N GLN B 90 -9.86 3.38 -22.29
CA GLN B 90 -8.99 2.23 -22.30
C GLN B 90 -7.94 2.39 -23.39
N VAL B 91 -6.76 1.84 -23.15
CA VAL B 91 -5.67 1.82 -24.12
C VAL B 91 -5.02 0.45 -24.07
N ASP B 92 -4.83 -0.15 -25.26
CA ASP B 92 -4.21 -1.47 -25.38
C ASP B 92 -4.95 -2.51 -24.56
N LYS B 93 -6.28 -2.46 -24.59
CA LYS B 93 -7.17 -3.45 -24.00
C LYS B 93 -7.01 -3.56 -22.48
N VAL B 94 -6.62 -2.49 -21.81
CA VAL B 94 -6.68 -2.42 -20.34
C VAL B 94 -7.52 -1.22 -19.96
N ASN B 95 -8.46 -1.43 -19.04
CA ASN B 95 -9.44 -0.41 -18.69
C ASN B 95 -8.86 0.54 -17.66
N PHE B 96 -8.98 1.84 -17.92
CA PHE B 96 -8.60 2.88 -17.00
C PHE B 96 -9.83 3.67 -16.58
N HIS B 97 -9.88 4.03 -15.30
CA HIS B 97 -10.96 4.85 -14.76
C HIS B 97 -10.32 6.08 -14.13
N MET B 98 -10.39 7.21 -14.83
CA MET B 98 -9.83 8.47 -14.32
C MET B 98 -10.95 9.24 -13.63
N PHE B 99 -10.83 9.44 -12.32
CA PHE B 99 -11.86 10.04 -11.50
C PHE B 99 -11.55 11.51 -11.28
N ASP B 100 -12.49 12.38 -11.64
CA ASP B 100 -12.37 13.82 -11.44
C ASP B 100 -13.28 14.22 -10.29
N VAL B 101 -12.72 14.91 -9.30
CA VAL B 101 -13.46 15.33 -8.12
C VAL B 101 -13.69 16.84 -8.27
N GLY B 102 -14.83 17.20 -8.82
CA GLY B 102 -15.17 18.60 -9.01
C GLY B 102 -16.37 19.04 -8.21
N GLY B 103 -17.02 18.11 -7.52
CA GLY B 103 -18.20 18.38 -6.75
C GLY B 103 -17.96 18.79 -5.31
N GLN B 104 -16.71 18.99 -4.91
CA GLN B 104 -16.38 19.37 -3.54
C GLN B 104 -16.00 20.84 -3.48
N ARG B 105 -15.60 21.28 -2.29
CA ARG B 105 -15.23 22.66 -2.02
C ARG B 105 -13.70 22.75 -1.86
N ASP B 106 -13.24 23.94 -1.45
CA ASP B 106 -11.80 24.21 -1.41
C ASP B 106 -11.08 23.26 -0.46
N GLU B 107 -11.68 22.97 0.70
CA GLU B 107 -11.05 22.05 1.64
C GLU B 107 -10.93 20.67 1.02
N ARG B 108 -9.71 20.24 0.74
CA ARG B 108 -9.47 18.99 0.04
C ARG B 108 -8.45 18.10 0.73
N ARG B 109 -8.14 18.35 1.99
CA ARG B 109 -7.12 17.57 2.68
C ARG B 109 -7.65 16.32 3.34
N LYS B 110 -8.96 16.06 3.26
CA LYS B 110 -9.56 14.90 3.90
C LYS B 110 -10.05 13.87 2.89
N TRP B 111 -10.82 14.29 1.88
CA TRP B 111 -11.22 13.34 0.84
C TRP B 111 -10.07 12.93 -0.06
N ILE B 112 -8.94 13.63 0.03
CA ILE B 112 -7.76 13.24 -0.75
C ILE B 112 -7.23 11.89 -0.27
N GLN B 113 -7.46 11.55 0.99
CA GLN B 113 -6.95 10.30 1.54
C GLN B 113 -7.62 9.08 0.93
N CYS B 114 -8.80 9.24 0.32
CA CYS B 114 -9.51 8.13 -0.27
C CYS B 114 -8.85 7.61 -1.54
N PHE B 115 -7.83 8.31 -2.06
CA PHE B 115 -7.23 7.97 -3.34
C PHE B 115 -5.80 7.45 -3.19
N ASN B 116 -5.48 6.80 -2.08
CA ASN B 116 -4.12 6.28 -1.94
C ASN B 116 -3.91 5.01 -2.76
N ASP B 117 -4.97 4.24 -3.00
CA ASP B 117 -4.83 2.99 -3.73
C ASP B 117 -4.64 3.21 -5.24
N VAL B 118 -4.88 4.42 -5.74
CA VAL B 118 -4.76 4.63 -7.18
C VAL B 118 -3.31 4.45 -7.61
N THR B 119 -3.13 4.06 -8.88
CA THR B 119 -1.79 3.86 -9.40
C THR B 119 -1.01 5.18 -9.45
N ALA B 120 -1.68 6.26 -9.82
CA ALA B 120 -1.01 7.55 -9.96
C ALA B 120 -2.04 8.66 -9.82
N ILE B 121 -1.54 9.87 -9.62
CA ILE B 121 -2.37 11.07 -9.57
C ILE B 121 -2.00 11.95 -10.74
N ILE B 122 -2.98 12.30 -11.56
CA ILE B 122 -2.79 13.20 -12.69
C ILE B 122 -2.87 14.62 -12.13
N PHE B 123 -1.71 15.24 -11.92
CA PHE B 123 -1.65 16.59 -11.39
C PHE B 123 -1.53 17.56 -12.55
N VAL B 124 -2.44 18.52 -12.61
CA VAL B 124 -2.53 19.47 -13.72
C VAL B 124 -2.27 20.87 -13.17
N VAL B 125 -1.35 21.59 -13.81
CA VAL B 125 -0.96 22.92 -13.37
C VAL B 125 -1.21 23.89 -14.52
N ASP B 126 -1.95 24.96 -14.23
CA ASP B 126 -2.07 26.09 -15.14
C ASP B 126 -1.02 27.11 -14.71
N SER B 127 0.16 26.99 -15.34
CA SER B 127 1.29 27.82 -14.93
C SER B 127 1.22 29.24 -15.48
N SER B 128 0.22 29.56 -16.30
CA SER B 128 0.16 30.88 -16.91
C SER B 128 0.02 31.97 -15.86
N ASP B 129 -0.96 31.84 -14.99
CA ASP B 129 -1.18 32.80 -13.91
C ASP B 129 -0.17 32.52 -12.81
N TYR B 130 0.94 33.25 -12.81
CA TYR B 130 1.99 33.02 -11.83
C TYR B 130 1.53 33.29 -10.41
N ASN B 131 0.46 34.06 -10.23
CA ASN B 131 -0.08 34.29 -8.89
C ASN B 131 -0.52 32.98 -8.24
N ARG B 132 -1.19 32.13 -9.01
CA ARG B 132 -1.60 30.83 -8.51
C ARG B 132 -0.58 29.73 -8.77
N LEU B 133 0.53 30.05 -9.45
CA LEU B 133 1.58 29.05 -9.63
C LEU B 133 2.25 28.70 -8.31
N GLN B 134 2.41 29.69 -7.44
CA GLN B 134 2.88 29.42 -6.09
C GLN B 134 1.89 28.53 -5.34
N GLU B 135 0.60 28.70 -5.61
CA GLU B 135 -0.39 27.78 -5.09
C GLU B 135 -0.18 26.37 -5.63
N ALA B 136 0.16 26.25 -6.91
CA ALA B 136 0.47 24.93 -7.45
C ALA B 136 1.66 24.30 -6.75
N LEU B 137 2.70 25.11 -6.51
CA LEU B 137 3.87 24.60 -5.80
C LEU B 137 3.50 24.14 -4.39
N ASN B 138 2.71 24.94 -3.68
CA ASN B 138 2.34 24.58 -2.31
C ASN B 138 1.48 23.33 -2.28
N LEU B 139 0.53 23.21 -3.21
CA LEU B 139 -0.32 22.03 -3.25
C LEU B 139 0.49 20.78 -3.58
N PHE B 140 1.41 20.88 -4.54
CA PHE B 140 2.24 19.73 -4.87
C PHE B 140 3.12 19.36 -3.69
N LYS B 141 3.66 20.36 -2.99
CA LYS B 141 4.49 20.09 -1.81
C LYS B 141 3.68 19.40 -0.73
N SER B 142 2.43 19.82 -0.53
CA SER B 142 1.57 19.17 0.44
C SER B 142 1.29 17.72 0.04
N ILE B 143 1.07 17.49 -1.26
CA ILE B 143 0.84 16.12 -1.74
C ILE B 143 2.07 15.26 -1.52
N TRP B 144 3.25 15.79 -1.83
CA TRP B 144 4.49 15.02 -1.73
C TRP B 144 4.76 14.60 -0.30
N ASN B 145 4.57 15.51 0.65
CA ASN B 145 4.92 15.26 2.05
C ASN B 145 3.77 14.72 2.86
N ASN B 146 2.62 14.43 2.24
CA ASN B 146 1.51 13.84 2.96
C ASN B 146 1.87 12.44 3.43
N ARG B 147 1.30 12.06 4.57
CA ARG B 147 1.65 10.78 5.18
C ARG B 147 1.33 9.61 4.26
N TRP B 148 0.18 9.68 3.59
CA TRP B 148 -0.30 8.58 2.75
C TRP B 148 0.17 8.68 1.31
N LEU B 149 0.44 9.89 0.83
CA LEU B 149 0.75 10.07 -0.58
C LEU B 149 2.24 9.88 -0.89
N ARG B 150 3.06 9.58 0.12
CA ARG B 150 4.47 9.30 -0.11
C ARG B 150 4.68 8.01 -0.88
N THR B 151 3.64 7.18 -1.03
CA THR B 151 3.73 5.95 -1.80
C THR B 151 3.13 6.06 -3.18
N ILE B 152 2.37 7.12 -3.47
CA ILE B 152 1.69 7.28 -4.75
C ILE B 152 2.53 8.18 -5.63
N SER B 153 3.00 7.64 -6.75
CA SER B 153 3.65 8.47 -7.75
C SER B 153 2.64 9.44 -8.35
N VAL B 154 3.11 10.63 -8.68
CA VAL B 154 2.25 11.69 -9.21
C VAL B 154 2.69 12.01 -10.64
N ILE B 155 1.73 12.09 -11.54
CA ILE B 155 1.99 12.52 -12.91
C ILE B 155 1.79 14.02 -12.96
N LEU B 156 2.85 14.74 -13.30
CA LEU B 156 2.81 16.20 -13.34
C LEU B 156 2.54 16.64 -14.78
N PHE B 157 1.44 17.36 -14.98
CA PHE B 157 1.07 17.86 -16.30
C PHE B 157 1.08 19.39 -16.25
N LEU B 158 1.93 19.98 -17.08
CA LEU B 158 1.95 21.43 -17.27
C LEU B 158 1.02 21.73 -18.43
N ASN B 159 -0.10 22.40 -18.15
CA ASN B 159 -1.26 22.33 -19.01
C ASN B 159 -1.36 23.45 -20.05
N LYS B 160 -0.69 24.58 -19.85
CA LYS B 160 -0.91 25.73 -20.70
C LYS B 160 0.40 26.21 -21.32
N GLN B 161 1.20 25.27 -21.83
CA GLN B 161 2.51 25.62 -22.36
C GLN B 161 2.42 26.60 -23.52
N ASP B 162 1.39 26.49 -24.36
CA ASP B 162 1.15 27.53 -25.36
C ASP B 162 0.88 28.88 -24.70
N LEU B 163 0.05 28.88 -23.66
CA LEU B 163 -0.25 30.11 -22.95
C LEU B 163 0.98 30.66 -22.23
N LEU B 164 1.79 29.78 -21.62
CA LEU B 164 3.04 30.22 -21.01
C LEU B 164 3.97 30.84 -22.05
N ALA B 165 4.09 30.21 -23.21
CA ALA B 165 4.95 30.75 -24.27
C ALA B 165 4.47 32.13 -24.71
N GLU B 166 3.16 32.27 -24.93
CA GLU B 166 2.63 33.56 -25.34
C GLU B 166 2.83 34.61 -24.27
N LYS B 167 2.64 34.24 -23.00
CA LYS B 167 2.79 35.18 -21.90
C LYS B 167 4.23 35.67 -21.77
N VAL B 168 5.19 34.74 -21.81
CA VAL B 168 6.59 35.14 -21.67
C VAL B 168 7.06 35.91 -22.90
N LEU B 169 6.50 35.60 -24.08
CA LEU B 169 6.80 36.40 -25.25
C LEU B 169 6.27 37.82 -25.10
N ALA B 170 5.06 37.97 -24.57
CA ALA B 170 4.52 39.31 -24.32
C ALA B 170 5.33 40.04 -23.27
N GLY B 171 5.69 39.35 -22.18
CA GLY B 171 6.49 39.96 -21.15
C GLY B 171 5.78 41.02 -20.34
N LYS B 172 4.45 41.00 -20.30
CA LYS B 172 3.72 42.00 -19.51
C LYS B 172 4.02 41.87 -18.02
N SER B 173 4.06 40.64 -17.51
CA SER B 173 4.46 40.35 -16.15
C SER B 173 5.77 39.58 -16.16
N LYS B 174 6.76 40.07 -15.42
CA LYS B 174 8.09 39.47 -15.43
C LYS B 174 8.14 38.28 -14.50
N ILE B 175 8.72 37.18 -15.00
CA ILE B 175 8.84 35.96 -14.21
C ILE B 175 9.75 36.20 -13.00
N GLU B 176 10.83 36.97 -13.21
CA GLU B 176 11.75 37.26 -12.11
C GLU B 176 11.06 38.00 -10.98
N ASP B 177 10.03 38.80 -11.29
CA ASP B 177 9.27 39.46 -10.23
C ASP B 177 8.54 38.44 -9.35
N TYR B 178 7.96 37.41 -9.97
CA TYR B 178 7.29 36.37 -9.22
C TYR B 178 8.24 35.33 -8.65
N PHE B 179 9.48 35.26 -9.15
CA PHE B 179 10.52 34.36 -8.66
C PHE B 179 11.89 34.92 -9.01
N PRO B 180 12.60 35.54 -8.07
CA PRO B 180 13.95 36.07 -8.38
C PRO B 180 14.95 34.99 -8.73
N GLU B 181 14.68 33.73 -8.39
CA GLU B 181 15.59 32.65 -8.74
C GLU B 181 15.77 32.51 -10.25
N PHE B 182 14.80 32.98 -11.04
CA PHE B 182 14.94 32.94 -12.49
C PHE B 182 15.94 33.97 -13.01
N ALA B 183 16.29 34.98 -12.21
CA ALA B 183 17.31 35.93 -12.61
C ALA B 183 18.72 35.35 -12.51
N ARG B 184 18.88 34.17 -11.90
CA ARG B 184 20.16 33.49 -11.82
C ARG B 184 20.13 32.08 -12.39
N TYR B 185 18.96 31.51 -12.62
CA TYR B 185 18.86 30.15 -13.14
C TYR B 185 19.36 30.07 -14.58
N THR B 186 20.00 28.95 -14.90
CA THR B 186 20.46 28.66 -16.25
C THR B 186 20.01 27.26 -16.63
N THR B 187 19.88 27.04 -17.93
CA THR B 187 19.43 25.74 -18.44
C THR B 187 20.45 24.65 -18.16
N ASP B 198 12.26 28.97 -29.54
CA ASP B 198 12.72 30.11 -28.77
C ASP B 198 13.35 29.67 -27.45
N PRO B 199 14.57 30.15 -27.18
CA PRO B 199 15.23 29.77 -25.92
C PRO B 199 14.49 30.23 -24.67
N ARG B 200 13.81 31.37 -24.72
CA ARG B 200 13.23 31.92 -23.49
C ARG B 200 12.00 31.12 -23.05
N VAL B 201 11.15 30.71 -23.99
CA VAL B 201 9.97 29.92 -23.61
C VAL B 201 10.40 28.59 -23.01
N THR B 202 11.41 27.95 -23.62
CA THR B 202 11.93 26.70 -23.09
C THR B 202 12.57 26.89 -21.73
N ARG B 203 13.30 27.99 -21.55
CA ARG B 203 13.91 28.29 -20.26
C ARG B 203 12.86 28.46 -19.17
N ALA B 204 11.80 29.22 -19.47
CA ALA B 204 10.74 29.41 -18.49
C ALA B 204 10.03 28.10 -18.17
N LYS B 205 9.75 27.30 -19.20
CA LYS B 205 9.06 26.02 -18.98
C LYS B 205 9.91 25.09 -18.12
N TYR B 206 11.21 25.01 -18.40
CA TYR B 206 12.04 24.13 -17.61
C TYR B 206 12.29 24.68 -16.22
N PHE B 207 12.26 26.00 -16.04
CA PHE B 207 12.35 26.56 -14.69
C PHE B 207 11.12 26.20 -13.87
N ILE B 208 9.93 26.35 -14.46
CA ILE B 208 8.72 26.07 -13.70
C ILE B 208 8.62 24.58 -13.40
N ARG B 209 9.07 23.72 -14.33
CA ARG B 209 9.08 22.29 -14.01
C ARG B 209 10.14 21.97 -12.96
N ASP B 210 11.27 22.70 -12.99
CA ASP B 210 12.35 22.44 -12.04
C ASP B 210 11.95 22.83 -10.64
N GLU B 211 11.11 23.84 -10.48
CA GLU B 211 10.59 24.15 -9.15
C GLU B 211 9.89 22.96 -8.53
N PHE B 212 8.93 22.37 -9.26
CA PHE B 212 8.21 21.20 -8.76
C PHE B 212 9.15 20.02 -8.56
N LEU B 213 10.09 19.83 -9.49
CA LEU B 213 11.01 18.69 -9.38
C LEU B 213 11.92 18.82 -8.17
N ARG B 214 12.37 20.04 -7.87
CA ARG B 214 13.18 20.26 -6.67
C ARG B 214 12.35 19.99 -5.41
N ILE B 215 11.10 20.48 -5.40
CA ILE B 215 10.23 20.19 -4.25
C ILE B 215 10.07 18.68 -4.08
N SER B 216 9.93 17.95 -5.18
CA SER B 216 9.75 16.51 -5.10
C SER B 216 11.01 15.81 -4.60
N THR B 217 12.17 16.17 -5.16
CA THR B 217 13.41 15.47 -4.86
C THR B 217 14.01 15.89 -3.52
N ALA B 218 13.54 16.99 -2.92
CA ALA B 218 14.04 17.37 -1.61
C ALA B 218 13.66 16.38 -0.52
N SER B 219 12.69 15.51 -0.76
CA SER B 219 12.29 14.53 0.23
C SER B 219 12.12 13.15 -0.41
N GLY B 222 13.73 7.98 -2.71
CA GLY B 222 13.11 7.04 -3.63
C GLY B 222 11.62 6.89 -3.41
N ARG B 223 11.17 5.63 -3.39
CA ARG B 223 9.75 5.28 -3.18
C ARG B 223 8.95 5.92 -4.30
N HIS B 224 7.99 6.80 -4.01
CA HIS B 224 7.17 7.41 -5.05
C HIS B 224 8.00 8.40 -5.87
N TYR B 225 7.71 8.47 -7.16
CA TYR B 225 8.39 9.36 -8.08
C TYR B 225 7.41 10.40 -8.62
N CYS B 226 7.96 11.43 -9.26
CA CYS B 226 7.16 12.47 -9.90
C CYS B 226 7.55 12.55 -11.37
N TYR B 227 6.58 12.36 -12.25
CA TYR B 227 6.84 12.40 -13.68
C TYR B 227 6.36 13.72 -14.24
N PRO B 228 7.24 14.62 -14.66
CA PRO B 228 6.80 15.88 -15.27
C PRO B 228 6.47 15.70 -16.74
N HIS B 229 5.45 16.43 -17.18
CA HIS B 229 5.03 16.39 -18.58
C HIS B 229 4.46 17.74 -18.97
N PHE B 230 4.50 18.02 -20.27
CA PHE B 230 3.95 19.25 -20.83
C PHE B 230 2.78 18.87 -21.74
N THR B 231 1.62 19.47 -21.48
CA THR B 231 0.42 19.16 -22.24
C THR B 231 -0.32 20.45 -22.57
N CYS B 232 -1.25 20.34 -23.50
CA CYS B 232 -2.11 21.46 -23.87
C CYS B 232 -3.51 20.91 -24.16
N ALA B 233 -4.37 21.76 -24.72
CA ALA B 233 -5.71 21.32 -25.09
C ALA B 233 -5.72 20.49 -26.36
N VAL B 234 -4.81 20.78 -27.30
CA VAL B 234 -4.81 20.09 -28.58
C VAL B 234 -4.17 18.72 -28.53
N ASP B 235 -3.52 18.36 -27.42
CA ASP B 235 -2.82 17.09 -27.32
C ASP B 235 -3.81 15.99 -26.95
N THR B 236 -3.94 15.00 -27.83
CA THR B 236 -4.81 13.84 -27.60
C THR B 236 -4.04 12.62 -27.10
N GLU B 237 -2.73 12.74 -26.90
CA GLU B 237 -1.89 11.63 -26.51
C GLU B 237 -1.71 11.53 -25.00
N ASN B 238 -2.43 12.34 -24.23
CA ASN B 238 -2.30 12.30 -22.78
C ASN B 238 -2.67 10.93 -22.22
N ALA B 239 -3.60 10.23 -22.86
CA ALA B 239 -3.94 8.88 -22.41
C ALA B 239 -2.75 7.95 -22.51
N ARG B 240 -1.98 8.05 -23.60
CA ARG B 240 -0.79 7.22 -23.74
C ARG B 240 0.25 7.53 -22.68
N ARG B 241 0.45 8.83 -22.38
CA ARG B 241 1.38 9.20 -21.32
C ARG B 241 0.96 8.62 -19.99
N ILE B 242 -0.33 8.74 -19.66
CA ILE B 242 -0.83 8.22 -18.39
C ILE B 242 -0.66 6.71 -18.34
N PHE B 243 -0.99 6.02 -19.44
CA PHE B 243 -0.88 4.57 -19.47
C PHE B 243 0.58 4.13 -19.30
N ASN B 244 1.50 4.78 -20.00
CA ASN B 244 2.92 4.42 -19.89
C ASN B 244 3.45 4.67 -18.49
N ASP B 245 3.08 5.81 -17.89
CA ASP B 245 3.56 6.10 -16.54
C ASP B 245 2.96 5.15 -15.52
N CYS B 246 1.69 4.78 -15.68
CA CYS B 246 1.10 3.78 -14.80
C CYS B 246 1.78 2.43 -14.97
N ARG B 247 2.15 2.09 -16.21
CA ARG B 247 2.90 0.86 -16.44
C ARG B 247 4.23 0.88 -15.70
N ASP B 248 4.93 2.01 -15.77
CA ASP B 248 6.21 2.13 -15.06
C ASP B 248 6.00 2.01 -13.56
N ILE B 249 4.95 2.67 -13.04
CA ILE B 249 4.66 2.61 -11.60
C ILE B 249 4.36 1.18 -11.17
N ILE B 250 3.57 0.46 -11.96
CA ILE B 250 3.24 -0.92 -11.63
C ILE B 250 4.47 -1.80 -11.72
N GLN B 251 5.36 -1.52 -12.68
CA GLN B 251 6.61 -2.27 -12.76
C GLN B 251 7.44 -2.08 -11.50
N ARG B 252 7.56 -0.85 -11.02
CA ARG B 252 8.32 -0.61 -9.79
C ARG B 252 7.64 -1.26 -8.59
N MET B 253 6.31 -1.22 -8.55
CA MET B 253 5.59 -1.90 -7.48
C MET B 253 5.85 -3.40 -7.51
N HIS B 254 5.97 -3.97 -8.71
CA HIS B 254 6.28 -5.39 -8.84
C HIS B 254 7.72 -5.68 -8.38
N LEU B 255 8.66 -4.83 -8.78
CA LEU B 255 10.04 -4.97 -8.29
C LEU B 255 10.07 -5.00 -6.76
N ARG B 256 9.34 -4.08 -6.13
CA ARG B 256 9.27 -4.10 -4.67
C ARG B 256 8.57 -5.36 -4.18
N GLN B 257 7.54 -5.81 -4.90
CA GLN B 257 6.72 -6.92 -4.46
C GLN B 257 7.41 -8.26 -4.69
N TYR B 258 8.15 -8.40 -5.77
CA TYR B 258 8.79 -9.66 -6.13
C TYR B 258 10.23 -9.76 -5.63
N GLU B 259 10.60 -8.93 -4.66
CA GLU B 259 11.90 -9.00 -3.99
C GLU B 259 13.07 -8.86 -4.97
N LEU B 260 12.85 -8.14 -6.06
CA LEU B 260 13.90 -7.91 -7.04
C LEU B 260 14.78 -6.72 -6.71
N LEU B 261 14.42 -5.94 -5.69
CA LEU B 261 15.19 -4.76 -5.32
C LEU B 261 16.33 -5.12 -4.38
N GLY C 71 -7.71 -2.89 33.40
CA GLY C 71 -6.29 -3.18 33.40
C GLY C 71 -5.70 -3.27 32.01
N ARG C 72 -4.86 -4.28 31.79
CA ARG C 72 -4.24 -4.50 30.49
C ARG C 72 -5.02 -5.55 29.71
N ILE C 73 -5.34 -5.23 28.46
CA ILE C 73 -6.20 -6.06 27.62
C ILE C 73 -5.44 -6.41 26.35
N GLN C 74 -5.46 -7.70 25.99
CA GLN C 74 -4.91 -8.16 24.73
C GLN C 74 -5.89 -9.10 24.07
N MET C 75 -5.94 -9.06 22.74
CA MET C 75 -6.81 -9.93 21.96
C MET C 75 -6.24 -10.08 20.56
N ARG C 76 -6.55 -11.20 19.93
CA ARG C 76 -5.97 -11.55 18.64
C ARG C 76 -7.06 -11.78 17.61
N THR C 77 -6.65 -11.83 16.35
CA THR C 77 -7.58 -12.05 15.25
C THR C 77 -8.26 -13.40 15.39
N ARG C 78 -9.58 -13.41 15.20
CA ARG C 78 -10.36 -14.64 15.24
C ARG C 78 -10.75 -15.10 13.84
N ARG C 79 -11.40 -14.24 13.06
CA ARG C 79 -11.80 -14.55 11.70
C ARG C 79 -11.38 -13.42 10.78
N THR C 80 -10.73 -13.76 9.68
CA THR C 80 -10.29 -12.77 8.69
C THR C 80 -11.27 -12.80 7.52
N LEU C 81 -12.01 -11.70 7.34
CA LEU C 81 -13.01 -11.61 6.28
C LEU C 81 -12.34 -11.14 4.99
N ARG C 82 -11.48 -11.99 4.47
CA ARG C 82 -10.83 -11.71 3.20
C ARG C 82 -11.81 -11.87 2.04
N GLY C 83 -11.57 -11.13 0.97
CA GLY C 83 -12.43 -11.19 -0.20
C GLY C 83 -12.63 -9.84 -0.86
N HIS C 84 -12.33 -8.76 -0.12
CA HIS C 84 -12.42 -7.42 -0.67
C HIS C 84 -11.26 -7.15 -1.61
N LEU C 85 -11.50 -6.24 -2.55
CA LEU C 85 -10.50 -5.93 -3.57
C LEU C 85 -9.74 -4.64 -3.31
N ALA C 86 -10.33 -3.69 -2.59
CA ALA C 86 -9.68 -2.43 -2.26
C ALA C 86 -9.71 -2.24 -0.76
N LYS C 87 -9.27 -1.07 -0.31
CA LYS C 87 -9.20 -0.80 1.12
C LYS C 87 -10.60 -0.77 1.71
N ILE C 88 -10.81 -1.52 2.79
CA ILE C 88 -12.07 -1.45 3.51
C ILE C 88 -12.10 -0.12 4.24
N TYR C 89 -12.80 0.85 3.67
CA TYR C 89 -12.77 2.21 4.20
C TYR C 89 -13.81 2.46 5.27
N ALA C 90 -14.97 1.80 5.19
CA ALA C 90 -15.99 1.90 6.21
C ALA C 90 -16.71 0.57 6.31
N MET C 91 -17.27 0.31 7.49
CA MET C 91 -18.03 -0.91 7.72
C MET C 91 -19.03 -0.64 8.84
N HIS C 92 -20.07 -1.47 8.90
CA HIS C 92 -21.12 -1.24 9.88
C HIS C 92 -21.78 -2.57 10.23
N TRP C 93 -22.31 -2.62 11.45
CA TRP C 93 -23.04 -3.79 11.95
C TRP C 93 -24.52 -3.50 12.02
N GLY C 94 -25.32 -4.57 11.90
CA GLY C 94 -26.75 -4.48 12.12
C GLY C 94 -27.12 -4.69 13.57
N THR C 95 -28.44 -4.73 13.81
CA THR C 95 -28.93 -5.06 15.14
C THR C 95 -28.49 -6.47 15.55
N ASP C 96 -28.57 -7.42 14.63
CA ASP C 96 -28.01 -8.74 14.83
C ASP C 96 -26.52 -8.69 14.45
N SER C 97 -25.65 -8.94 15.43
CA SER C 97 -24.21 -8.84 15.19
C SER C 97 -23.72 -9.87 14.19
N ARG C 98 -24.51 -10.90 13.90
CA ARG C 98 -24.09 -11.93 12.96
C ARG C 98 -23.87 -11.36 11.56
N LEU C 99 -24.66 -10.36 11.18
CA LEU C 99 -24.58 -9.76 9.85
C LEU C 99 -23.85 -8.43 9.92
N LEU C 100 -22.88 -8.23 9.04
CA LEU C 100 -22.16 -6.98 8.96
C LEU C 100 -22.06 -6.54 7.51
N VAL C 101 -21.98 -5.23 7.32
CA VAL C 101 -21.82 -4.63 6.00
C VAL C 101 -20.42 -4.04 5.91
N SER C 102 -19.69 -4.39 4.87
CA SER C 102 -18.34 -3.89 4.65
C SER C 102 -18.29 -3.12 3.35
N ALA C 103 -17.73 -1.92 3.39
CA ALA C 103 -17.63 -1.04 2.23
C ALA C 103 -16.17 -0.85 1.87
N SER C 104 -15.87 -0.92 0.58
CA SER C 104 -14.52 -0.71 0.08
C SER C 104 -14.56 0.16 -1.15
N GLN C 105 -13.43 0.81 -1.44
CA GLN C 105 -13.37 1.76 -2.54
C GLN C 105 -13.45 1.09 -3.90
N ASP C 106 -13.39 -0.24 -3.95
CA ASP C 106 -13.59 -0.95 -5.21
C ASP C 106 -15.02 -0.82 -5.72
N GLY C 107 -15.96 -0.47 -4.84
CA GLY C 107 -17.34 -0.33 -5.23
C GLY C 107 -18.11 -1.64 -5.15
N LYS C 108 -18.07 -2.28 -3.98
CA LYS C 108 -18.74 -3.57 -3.80
C LYS C 108 -19.12 -3.71 -2.34
N LEU C 109 -20.41 -3.60 -2.04
CA LEU C 109 -20.92 -3.73 -0.68
C LEU C 109 -21.21 -5.21 -0.43
N ILE C 110 -20.29 -5.89 0.25
CA ILE C 110 -20.45 -7.29 0.60
C ILE C 110 -20.99 -7.37 2.02
N ILE C 111 -22.05 -8.15 2.20
CA ILE C 111 -22.64 -8.39 3.51
C ILE C 111 -22.16 -9.75 3.99
N TRP C 112 -21.41 -9.76 5.10
CA TRP C 112 -20.75 -10.96 5.58
C TRP C 112 -21.49 -11.53 6.79
N ASP C 113 -21.61 -12.85 6.83
CA ASP C 113 -22.05 -13.54 8.03
C ASP C 113 -20.84 -13.69 8.94
N SER C 114 -20.89 -13.04 10.11
CA SER C 114 -19.72 -12.97 10.98
C SER C 114 -19.32 -14.36 11.47
N TYR C 115 -20.27 -15.12 12.01
CA TYR C 115 -19.92 -16.36 12.70
C TYR C 115 -19.44 -17.43 11.71
N THR C 116 -20.11 -17.57 10.57
CA THR C 116 -19.79 -18.63 9.62
C THR C 116 -18.93 -18.16 8.46
N THR C 117 -18.49 -16.90 8.47
CA THR C 117 -17.63 -16.33 7.43
C THR C 117 -18.35 -16.35 6.08
N ASN C 118 -19.64 -16.68 6.10
CA ASN C 118 -20.43 -16.70 4.87
C ASN C 118 -20.69 -15.27 4.40
N LYS C 119 -20.79 -15.10 3.09
CA LYS C 119 -21.14 -13.82 2.49
C LYS C 119 -22.60 -13.93 2.04
N VAL C 120 -23.51 -13.53 2.95
CA VAL C 120 -24.94 -13.72 2.70
C VAL C 120 -25.38 -12.93 1.48
N HIS C 121 -24.97 -11.68 1.38
CA HIS C 121 -25.31 -10.83 0.25
C HIS C 121 -24.05 -10.16 -0.27
N ALA C 122 -23.99 -10.00 -1.59
CA ALA C 122 -22.88 -9.31 -2.24
C ALA C 122 -23.47 -8.48 -3.37
N ILE C 123 -23.75 -7.22 -3.07
CA ILE C 123 -24.40 -6.31 -4.01
C ILE C 123 -23.35 -5.40 -4.62
N PRO C 124 -23.52 -4.94 -5.87
CA PRO C 124 -22.60 -3.95 -6.42
C PRO C 124 -23.02 -2.51 -6.17
N LEU C 125 -22.20 -1.56 -6.60
CA LEU C 125 -22.40 -0.17 -6.24
C LEU C 125 -22.27 0.72 -7.46
N ARG C 126 -23.10 1.76 -7.52
CA ARG C 126 -23.04 2.70 -8.63
C ARG C 126 -21.73 3.46 -8.66
N SER C 127 -21.24 3.87 -7.50
CA SER C 127 -20.01 4.64 -7.37
C SER C 127 -18.96 3.81 -6.66
N SER C 128 -17.75 3.77 -7.22
CA SER C 128 -16.69 2.98 -6.63
C SER C 128 -16.30 3.50 -5.24
N TRP C 129 -16.13 4.81 -5.10
CA TRP C 129 -15.74 5.37 -3.83
C TRP C 129 -16.90 5.37 -2.85
N VAL C 130 -16.70 4.74 -1.69
CA VAL C 130 -17.70 4.61 -0.67
C VAL C 130 -17.08 5.03 0.65
N MET C 131 -17.41 6.24 1.12
CA MET C 131 -16.85 6.72 2.36
C MET C 131 -17.65 6.30 3.59
N THR C 132 -18.83 5.73 3.40
CA THR C 132 -19.63 5.24 4.51
C THR C 132 -20.65 4.23 4.01
N CYS C 133 -21.08 3.37 4.92
CA CYS C 133 -22.13 2.41 4.63
C CYS C 133 -23.00 2.26 5.88
N ALA C 134 -24.32 2.24 5.69
CA ALA C 134 -25.26 2.22 6.79
C ALA C 134 -26.22 1.06 6.61
N TYR C 135 -26.06 0.03 7.44
CA TYR C 135 -27.04 -1.06 7.49
C TYR C 135 -28.18 -0.62 8.41
N ALA C 136 -29.39 -0.57 7.86
CA ALA C 136 -30.53 -0.11 8.62
C ALA C 136 -30.78 -1.04 9.80
N PRO C 137 -31.25 -0.52 10.94
CA PRO C 137 -31.58 -1.40 12.06
C PRO C 137 -32.60 -2.47 11.71
N SER C 138 -33.57 -2.14 10.86
CA SER C 138 -34.50 -3.15 10.37
C SER C 138 -33.82 -4.12 9.41
N GLY C 139 -32.69 -3.74 8.81
CA GLY C 139 -31.94 -4.62 7.95
C GLY C 139 -32.43 -4.72 6.53
N ASN C 140 -33.52 -4.04 6.18
CA ASN C 140 -34.09 -4.18 4.85
C ASN C 140 -33.22 -3.48 3.81
N TYR C 141 -32.74 -2.28 4.11
CA TYR C 141 -32.05 -1.43 3.14
C TYR C 141 -30.64 -1.14 3.63
N VAL C 142 -29.78 -0.79 2.68
CA VAL C 142 -28.41 -0.38 2.98
C VAL C 142 -28.14 0.95 2.29
N ALA C 143 -27.53 1.87 3.02
CA ALA C 143 -27.16 3.18 2.49
C ALA C 143 -25.69 3.18 2.11
N CYS C 144 -25.38 3.63 0.90
CA CYS C 144 -24.02 3.67 0.38
C CYS C 144 -23.65 5.11 0.07
N GLY C 145 -23.12 5.80 1.07
CA GLY C 145 -22.68 7.18 0.90
C GLY C 145 -21.20 7.22 0.55
N GLY C 146 -20.92 7.78 -0.62
CA GLY C 146 -19.55 7.87 -1.08
C GLY C 146 -19.14 9.29 -1.43
N LEU C 147 -18.06 9.42 -2.21
CA LEU C 147 -17.64 10.76 -2.64
C LEU C 147 -18.69 11.42 -3.50
N ASP C 148 -19.47 10.63 -4.23
CA ASP C 148 -20.58 11.17 -5.00
C ASP C 148 -21.59 11.82 -4.08
N ASN C 149 -22.23 12.89 -4.56
CA ASN C 149 -23.14 13.64 -3.72
C ASN C 149 -24.51 12.97 -3.70
N ILE C 150 -24.53 11.66 -3.46
CA ILE C 150 -25.76 10.87 -3.44
C ILE C 150 -25.66 9.85 -2.32
N CYS C 151 -26.70 9.77 -1.49
CA CYS C 151 -26.80 8.72 -0.48
C CYS C 151 -27.67 7.58 -1.02
N SER C 152 -27.06 6.79 -1.89
CA SER C 152 -27.78 5.70 -2.54
C SER C 152 -28.25 4.68 -1.53
N ILE C 153 -29.51 4.27 -1.65
CA ILE C 153 -30.11 3.26 -0.78
C ILE C 153 -30.53 2.07 -1.63
N TYR C 154 -30.01 0.91 -1.29
CA TYR C 154 -30.29 -0.33 -2.02
C TYR C 154 -31.36 -1.13 -1.29
N ASN C 155 -32.12 -1.90 -2.06
CA ASN C 155 -33.21 -2.69 -1.53
C ASN C 155 -32.85 -4.17 -1.52
N LEU C 156 -33.17 -4.84 -0.40
CA LEU C 156 -32.98 -6.28 -0.27
C LEU C 156 -34.27 -6.90 0.24
N LYS C 157 -34.47 -8.16 -0.13
CA LYS C 157 -35.65 -8.96 0.25
C LYS C 157 -36.95 -8.16 0.31
N VAL C 165 -31.20 -1.17 -5.81
CA VAL C 165 -31.41 0.26 -5.72
C VAL C 165 -32.88 0.57 -5.42
N SER C 166 -33.11 1.42 -4.45
CA SER C 166 -34.47 1.82 -4.10
C SER C 166 -34.69 3.32 -4.21
N ARG C 167 -33.69 4.14 -3.90
CA ARG C 167 -33.84 5.58 -3.96
C ARG C 167 -32.49 6.22 -4.28
N GLU C 168 -32.55 7.44 -4.78
CA GLU C 168 -31.35 8.21 -5.15
C GLU C 168 -31.50 9.60 -4.53
N LEU C 169 -31.00 9.76 -3.31
CA LEU C 169 -31.07 11.02 -2.60
C LEU C 169 -30.05 12.00 -3.16
N ALA C 170 -30.49 13.22 -3.46
CA ALA C 170 -29.61 14.25 -3.99
C ALA C 170 -29.94 15.58 -3.34
N GLY C 171 -28.93 16.43 -3.22
CA GLY C 171 -29.11 17.73 -2.60
C GLY C 171 -27.90 18.19 -1.80
N HIS C 172 -27.05 17.25 -1.41
CA HIS C 172 -25.82 17.60 -0.72
C HIS C 172 -24.81 18.17 -1.70
N THR C 173 -24.03 19.15 -1.23
CA THR C 173 -23.01 19.80 -2.04
C THR C 173 -21.61 19.31 -1.71
N GLY C 174 -21.47 18.30 -0.86
CA GLY C 174 -20.17 17.80 -0.49
C GLY C 174 -20.18 16.29 -0.37
N TYR C 175 -18.97 15.72 -0.29
CA TYR C 175 -18.84 14.28 -0.22
C TYR C 175 -19.54 13.72 1.00
N LEU C 176 -20.19 12.58 0.84
CA LEU C 176 -20.94 11.95 1.93
C LEU C 176 -19.95 11.34 2.92
N SER C 177 -19.61 12.11 3.97
CA SER C 177 -18.64 11.62 4.94
C SER C 177 -19.20 10.45 5.74
N CYS C 178 -20.46 10.55 6.17
CA CYS C 178 -21.06 9.50 6.98
C CYS C 178 -22.56 9.52 6.79
N CYS C 179 -23.19 8.39 7.09
CA CYS C 179 -24.63 8.24 7.01
C CYS C 179 -25.09 7.34 8.14
N ARG C 180 -26.26 7.64 8.71
CA ARG C 180 -26.79 6.86 9.81
C ARG C 180 -28.31 6.81 9.70
N PHE C 181 -28.88 5.64 9.98
CA PHE C 181 -30.31 5.41 9.88
C PHE C 181 -30.97 5.71 11.23
N LEU C 182 -31.82 6.73 11.26
CA LEU C 182 -32.64 6.96 12.46
C LEU C 182 -33.68 5.86 12.61
N ASP C 183 -34.40 5.55 11.53
CA ASP C 183 -35.35 4.46 11.50
C ASP C 183 -35.41 3.95 10.05
N ASP C 184 -36.47 3.21 9.73
CA ASP C 184 -36.56 2.58 8.42
C ASP C 184 -36.69 3.62 7.31
N ASN C 185 -37.46 4.69 7.52
CA ASN C 185 -37.86 5.57 6.44
C ASN C 185 -37.07 6.87 6.36
N GLN C 186 -36.08 7.08 7.22
CA GLN C 186 -35.32 8.33 7.20
C GLN C 186 -33.84 8.06 7.41
N ILE C 187 -33.03 8.98 6.90
CA ILE C 187 -31.58 8.88 6.95
C ILE C 187 -31.03 10.23 7.37
N VAL C 188 -29.96 10.23 8.17
CA VAL C 188 -29.25 11.46 8.52
C VAL C 188 -27.83 11.36 7.99
N THR C 189 -27.42 12.38 7.24
CA THR C 189 -26.15 12.34 6.52
C THR C 189 -25.39 13.65 6.76
N SER C 190 -24.15 13.67 6.28
CA SER C 190 -23.33 14.87 6.30
C SER C 190 -22.55 14.96 4.99
N SER C 191 -22.15 16.17 4.64
CA SER C 191 -21.46 16.42 3.39
C SER C 191 -20.05 16.93 3.67
N GLY C 192 -19.24 16.96 2.60
CA GLY C 192 -17.98 17.66 2.68
C GLY C 192 -18.16 19.14 2.97
N ASP C 193 -19.21 19.73 2.39
CA ASP C 193 -19.64 21.05 2.81
C ASP C 193 -20.14 20.98 4.25
N THR C 194 -20.03 22.09 4.96
CA THR C 194 -20.39 22.12 6.38
C THR C 194 -21.83 21.70 6.64
N THR C 195 -22.66 21.66 5.60
CA THR C 195 -24.06 21.34 5.79
C THR C 195 -24.26 19.86 6.10
N CYS C 196 -25.08 19.59 7.11
CA CYS C 196 -25.59 18.26 7.39
C CYS C 196 -27.10 18.26 7.19
N ALA C 197 -27.63 17.15 6.69
CA ALA C 197 -29.03 17.08 6.29
C ALA C 197 -29.69 15.83 6.86
N LEU C 198 -31.01 15.93 7.01
CA LEU C 198 -31.85 14.81 7.42
C LEU C 198 -32.91 14.62 6.34
N TRP C 199 -32.99 13.40 5.81
CA TRP C 199 -33.84 13.10 4.67
C TRP C 199 -35.02 12.24 5.09
N ASP C 200 -36.00 12.14 4.19
CA ASP C 200 -37.07 11.17 4.26
C ASP C 200 -36.97 10.30 3.01
N ILE C 201 -36.83 8.99 3.21
CA ILE C 201 -36.41 8.12 2.12
C ILE C 201 -37.47 8.03 1.03
N GLU C 202 -38.74 7.83 1.42
CA GLU C 202 -39.78 7.63 0.43
C GLU C 202 -40.09 8.88 -0.39
N THR C 203 -39.59 10.05 0.02
CA THR C 203 -39.76 11.27 -0.76
C THR C 203 -38.46 11.93 -1.17
N GLY C 204 -37.35 11.62 -0.53
CA GLY C 204 -36.06 12.19 -0.88
C GLY C 204 -36.00 13.69 -0.69
N GLN C 205 -36.50 14.18 0.44
CA GLN C 205 -36.55 15.61 0.73
C GLN C 205 -35.86 15.90 2.05
N GLN C 206 -35.08 16.98 2.07
CA GLN C 206 -34.35 17.40 3.27
C GLN C 206 -35.35 17.99 4.26
N THR C 207 -35.83 17.16 5.19
CA THR C 207 -36.76 17.66 6.20
C THR C 207 -36.09 18.70 7.10
N THR C 208 -34.85 18.46 7.48
CA THR C 208 -34.10 19.37 8.35
C THR C 208 -32.72 19.60 7.76
N THR C 209 -32.18 20.79 8.01
CA THR C 209 -30.87 21.19 7.50
C THR C 209 -30.01 21.67 8.67
N PHE C 210 -28.74 21.27 8.66
CA PHE C 210 -27.79 21.61 9.73
C PHE C 210 -26.58 22.26 9.09
N THR C 211 -26.43 23.57 9.28
CA THR C 211 -25.42 24.33 8.56
C THR C 211 -24.69 25.31 9.48
N GLY C 212 -24.32 24.85 10.67
CA GLY C 212 -23.61 25.71 11.61
C GLY C 212 -22.10 25.61 11.61
N HIS C 213 -21.53 24.59 10.96
CA HIS C 213 -20.10 24.37 10.98
C HIS C 213 -19.38 25.29 10.00
N THR C 214 -18.06 25.34 10.12
CA THR C 214 -17.21 26.09 9.22
C THR C 214 -16.23 25.23 8.44
N GLY C 215 -15.89 24.04 8.95
CA GLY C 215 -15.05 23.11 8.25
C GLY C 215 -15.81 21.89 7.77
N ASP C 216 -15.11 21.03 7.03
CA ASP C 216 -15.73 19.81 6.52
C ASP C 216 -16.12 18.89 7.65
N VAL C 217 -17.36 18.41 7.62
CA VAL C 217 -17.83 17.44 8.60
C VAL C 217 -17.31 16.07 8.20
N MET C 218 -16.69 15.36 9.13
CA MET C 218 -16.04 14.09 8.83
C MET C 218 -16.80 12.88 9.32
N SER C 219 -17.53 12.97 10.43
CA SER C 219 -18.18 11.80 10.98
C SER C 219 -19.40 12.23 11.80
N LEU C 220 -20.26 11.26 12.06
CA LEU C 220 -21.45 11.45 12.88
C LEU C 220 -21.40 10.49 14.06
N SER C 221 -22.38 10.64 14.95
CA SER C 221 -22.52 9.74 16.08
C SER C 221 -23.93 9.88 16.62
N LEU C 222 -24.69 8.80 16.59
CA LEU C 222 -26.07 8.81 17.06
C LEU C 222 -26.16 8.12 18.41
N ALA C 223 -26.78 8.79 19.38
CA ALA C 223 -27.01 8.21 20.68
C ALA C 223 -28.09 7.13 20.58
N PRO C 224 -28.20 6.26 21.61
CA PRO C 224 -29.31 5.30 21.64
C PRO C 224 -30.66 5.92 21.30
N ASP C 225 -30.84 7.19 21.66
CA ASP C 225 -31.95 7.99 21.18
C ASP C 225 -31.49 8.81 19.97
N THR C 226 -32.24 8.75 18.88
CA THR C 226 -31.86 9.40 17.64
C THR C 226 -32.10 10.90 17.65
N ARG C 227 -32.57 11.47 18.76
CA ARG C 227 -32.89 12.88 18.80
C ARG C 227 -31.66 13.75 18.57
N LEU C 228 -30.54 13.39 19.20
CA LEU C 228 -29.32 14.19 19.16
C LEU C 228 -28.24 13.48 18.37
N PHE C 229 -27.47 14.26 17.60
CA PHE C 229 -26.29 13.76 16.92
C PHE C 229 -25.28 14.89 16.81
N VAL C 230 -24.00 14.53 16.88
CA VAL C 230 -22.91 15.48 16.82
C VAL C 230 -22.11 15.22 15.55
N SER C 231 -21.49 16.28 15.03
CA SER C 231 -20.81 16.24 13.74
C SER C 231 -19.42 16.85 13.91
N GLY C 232 -18.41 15.98 14.08
CA GLY C 232 -17.04 16.46 14.12
C GLY C 232 -16.63 17.08 12.80
N ALA C 233 -16.01 18.26 12.88
CA ALA C 233 -15.62 19.01 11.70
C ALA C 233 -14.12 19.24 11.69
N CYS C 234 -13.62 19.66 10.52
CA CYS C 234 -12.20 19.90 10.34
C CYS C 234 -11.72 21.18 11.02
N ASP C 235 -12.63 22.05 11.44
CA ASP C 235 -12.26 23.29 12.11
C ASP C 235 -12.00 23.11 13.59
N ALA C 236 -11.72 21.88 14.04
CA ALA C 236 -11.50 21.56 15.44
C ALA C 236 -12.72 21.92 16.30
N SER C 237 -13.91 21.78 15.74
CA SER C 237 -15.15 22.08 16.43
C SER C 237 -16.14 20.93 16.25
N ALA C 238 -16.78 20.53 17.36
CA ALA C 238 -17.79 19.48 17.36
C ALA C 238 -19.08 20.09 17.87
N LYS C 239 -20.09 20.19 16.99
CA LYS C 239 -21.36 20.81 17.33
C LYS C 239 -22.43 19.75 17.49
N LEU C 240 -23.13 19.78 18.62
CA LEU C 240 -24.22 18.85 18.90
C LEU C 240 -25.51 19.40 18.31
N TRP C 241 -26.23 18.55 17.57
CA TRP C 241 -27.43 18.95 16.88
C TRP C 241 -28.63 18.19 17.41
N ASP C 242 -29.81 18.80 17.27
CA ASP C 242 -31.09 18.14 17.54
C ASP C 242 -31.85 18.07 16.23
N VAL C 243 -32.43 16.91 15.94
CA VAL C 243 -32.99 16.65 14.61
C VAL C 243 -34.21 17.54 14.36
N ARG C 244 -35.00 17.79 15.41
CA ARG C 244 -36.24 18.53 15.21
C ARG C 244 -36.00 20.02 15.08
N GLU C 245 -35.30 20.63 16.05
CA GLU C 245 -35.07 22.06 16.02
C GLU C 245 -34.21 22.47 14.83
N GLY C 246 -33.17 21.69 14.53
CA GLY C 246 -32.31 21.99 13.40
C GLY C 246 -31.27 23.05 13.64
N MET C 247 -31.11 23.52 14.87
CA MET C 247 -30.14 24.55 15.20
C MET C 247 -29.19 24.05 16.28
N CYS C 248 -27.92 24.40 16.16
CA CYS C 248 -26.94 23.99 17.15
C CYS C 248 -27.16 24.76 18.45
N ARG C 249 -26.86 24.09 19.57
CA ARG C 249 -27.04 24.68 20.88
C ARG C 249 -25.74 24.98 21.61
N GLN C 250 -24.64 24.30 21.26
CA GLN C 250 -23.38 24.44 21.98
C GLN C 250 -22.27 23.82 21.16
N THR C 251 -21.06 24.36 21.32
CA THR C 251 -19.92 23.98 20.50
C THR C 251 -18.70 23.75 21.38
N PHE C 252 -17.91 22.74 20.99
CA PHE C 252 -16.66 22.38 21.64
C PHE C 252 -15.50 22.62 20.69
N THR C 253 -14.44 23.26 21.20
CA THR C 253 -13.27 23.59 20.39
C THR C 253 -11.99 23.29 21.16
N GLY C 254 -11.99 22.20 21.94
CA GLY C 254 -10.80 21.86 22.69
C GLY C 254 -9.64 21.44 21.80
N HIS C 255 -9.93 20.77 20.70
CA HIS C 255 -8.87 20.24 19.85
C HIS C 255 -8.18 21.35 19.07
N GLU C 256 -7.05 21.00 18.45
CA GLU C 256 -6.20 21.94 17.74
C GLU C 256 -5.91 21.52 16.31
N SER C 257 -6.70 20.60 15.76
CA SER C 257 -6.51 20.14 14.39
C SER C 257 -7.79 19.46 13.94
N ASP C 258 -7.74 18.84 12.76
CA ASP C 258 -8.89 18.16 12.19
C ASP C 258 -9.40 17.07 13.10
N ILE C 259 -10.73 17.00 13.25
CA ILE C 259 -11.39 15.95 14.02
C ILE C 259 -12.04 15.01 13.00
N ASN C 260 -11.41 13.86 12.77
CA ASN C 260 -11.85 12.92 11.74
C ASN C 260 -12.53 11.68 12.32
N ALA C 261 -12.85 11.67 13.62
CA ALA C 261 -13.47 10.52 14.23
C ALA C 261 -14.32 10.96 15.40
N ILE C 262 -15.57 10.51 15.42
CA ILE C 262 -16.53 10.86 16.47
C ILE C 262 -17.33 9.63 16.83
N CYS C 263 -17.60 9.47 18.12
CA CYS C 263 -18.44 8.36 18.60
C CYS C 263 -18.95 8.70 19.98
N PHE C 264 -20.27 8.73 20.15
CA PHE C 264 -20.84 8.92 21.47
C PHE C 264 -20.41 7.82 22.43
N PHE C 265 -20.11 8.22 23.65
CA PHE C 265 -20.00 7.26 24.73
C PHE C 265 -21.37 6.62 24.94
N PRO C 266 -21.45 5.30 25.17
CA PRO C 266 -22.75 4.63 25.21
C PRO C 266 -23.72 5.18 26.25
N ASN C 267 -23.18 5.85 27.27
CA ASN C 267 -24.00 6.40 28.35
C ASN C 267 -23.87 7.92 28.39
N GLY C 268 -24.97 8.59 28.73
CA GLY C 268 -24.94 10.02 28.86
C GLY C 268 -24.76 10.73 27.54
N ASN C 269 -24.41 12.02 27.64
CA ASN C 269 -24.20 12.86 26.48
C ASN C 269 -22.74 12.96 26.06
N ALA C 270 -21.83 12.36 26.81
CA ALA C 270 -20.42 12.47 26.50
C ALA C 270 -20.09 11.74 25.20
N PHE C 271 -19.01 12.16 24.55
CA PHE C 271 -18.59 11.56 23.29
C PHE C 271 -17.10 11.80 23.09
N ALA C 272 -16.47 10.90 22.35
CA ALA C 272 -15.05 10.98 22.09
C ALA C 272 -14.78 11.57 20.72
N THR C 273 -13.58 12.12 20.55
CA THR C 273 -13.20 12.81 19.32
C THR C 273 -11.78 12.40 18.96
N GLY C 274 -11.62 11.73 17.83
CA GLY C 274 -10.30 11.49 17.29
C GLY C 274 -9.85 12.65 16.42
N SER C 275 -8.56 12.96 16.50
CA SER C 275 -8.01 14.13 15.82
C SER C 275 -6.65 13.80 15.23
N ASP C 276 -6.27 14.58 14.22
CA ASP C 276 -4.98 14.42 13.55
C ASP C 276 -3.81 14.94 14.37
N ASP C 277 -4.07 15.61 15.49
CA ASP C 277 -2.99 16.14 16.32
C ASP C 277 -2.32 15.07 17.18
N ALA C 278 -2.54 13.79 16.87
CA ALA C 278 -2.03 12.67 17.66
C ALA C 278 -2.56 12.70 19.08
N THR C 279 -3.77 13.19 19.26
CA THR C 279 -4.37 13.31 20.59
C THR C 279 -5.86 13.03 20.50
N CYS C 280 -6.35 12.19 21.40
CA CYS C 280 -7.77 11.90 21.54
C CYS C 280 -8.28 12.56 22.80
N ARG C 281 -9.44 13.21 22.70
CA ARG C 281 -10.02 13.92 23.83
C ARG C 281 -11.49 13.53 23.97
N LEU C 282 -11.98 13.59 25.21
CA LEU C 282 -13.36 13.26 25.53
C LEU C 282 -14.06 14.53 25.98
N PHE C 283 -15.26 14.76 25.44
CA PHE C 283 -16.01 15.97 25.70
C PHE C 283 -17.37 15.64 26.32
N ASP C 284 -17.84 16.54 27.18
CA ASP C 284 -19.15 16.42 27.79
C ASP C 284 -19.58 17.79 28.30
N LEU C 285 -20.87 17.92 28.59
CA LEU C 285 -21.44 19.18 29.04
C LEU C 285 -20.82 19.62 30.37
N GLU C 290 -13.69 20.12 27.11
CA GLU C 290 -12.70 19.05 27.22
C GLU C 290 -12.48 18.65 28.67
N LEU C 291 -12.46 17.35 28.93
CA LEU C 291 -12.20 16.84 30.26
C LEU C 291 -11.21 15.68 30.30
N MET C 292 -10.65 15.27 29.17
CA MET C 292 -9.73 14.16 29.14
C MET C 292 -8.91 14.25 27.86
N THR C 293 -7.71 13.69 27.89
CA THR C 293 -6.80 13.71 26.75
C THR C 293 -5.86 12.52 26.81
N TYR C 294 -5.43 12.07 25.64
CA TYR C 294 -4.51 10.93 25.53
C TYR C 294 -3.44 11.27 24.51
N SER C 295 -2.18 11.25 24.93
CA SER C 295 -1.08 11.52 24.02
C SER C 295 0.23 11.09 24.67
N HIS C 296 1.07 10.40 23.89
CA HIS C 296 2.43 10.08 24.29
C HIS C 296 3.41 10.73 23.32
N ASP C 297 4.65 10.86 23.77
CA ASP C 297 5.67 11.49 22.94
C ASP C 297 5.94 10.70 21.68
N ASN C 298 6.00 9.36 21.80
CA ASN C 298 6.31 8.53 20.63
C ASN C 298 5.21 8.59 19.59
N ILE C 299 3.98 8.91 19.98
CA ILE C 299 2.85 8.97 19.05
C ILE C 299 2.92 10.28 18.29
N ILE C 300 3.24 10.21 17.00
CA ILE C 300 3.28 11.37 16.13
C ILE C 300 2.20 11.33 15.07
N CYS C 301 1.33 10.32 15.09
CA CYS C 301 0.24 10.18 14.14
C CYS C 301 -1.09 10.33 14.85
N GLY C 302 -2.06 10.92 14.14
CA GLY C 302 -3.35 11.22 14.71
C GLY C 302 -4.24 10.00 14.81
N ILE C 303 -5.52 10.28 15.02
CA ILE C 303 -6.53 9.24 15.12
C ILE C 303 -7.23 9.12 13.77
N THR C 304 -7.79 7.95 13.50
CA THR C 304 -8.53 7.70 12.28
C THR C 304 -9.92 7.15 12.51
N SER C 305 -10.18 6.52 13.64
CA SER C 305 -11.51 6.02 13.98
C SER C 305 -11.56 5.82 15.48
N VAL C 306 -12.74 6.05 16.05
CA VAL C 306 -12.94 5.96 17.49
C VAL C 306 -14.26 5.23 17.75
N SER C 307 -14.23 4.30 18.69
CA SER C 307 -15.44 3.61 19.13
C SER C 307 -15.18 3.05 20.52
N PHE C 308 -16.28 2.80 21.24
CA PHE C 308 -16.23 2.28 22.59
C PHE C 308 -16.63 0.81 22.62
N SER C 309 -16.62 0.23 23.82
CA SER C 309 -17.03 -1.13 24.02
C SER C 309 -18.54 -1.17 24.33
N LYS C 310 -19.03 -2.34 24.75
CA LYS C 310 -20.44 -2.45 25.11
C LYS C 310 -20.77 -1.57 26.31
N SER C 311 -19.92 -1.57 27.34
CA SER C 311 -20.12 -0.76 28.52
C SER C 311 -19.34 0.55 28.47
N GLY C 312 -18.51 0.74 27.46
CA GLY C 312 -17.78 1.99 27.29
C GLY C 312 -16.54 2.14 28.15
N ARG C 313 -16.19 1.14 28.95
CA ARG C 313 -15.00 1.25 29.78
C ARG C 313 -13.75 1.39 28.93
N LEU C 314 -13.67 0.64 27.83
CA LEU C 314 -12.54 0.70 26.92
C LEU C 314 -12.82 1.69 25.80
N LEU C 315 -11.74 2.15 25.16
CA LEU C 315 -11.85 3.10 24.05
C LEU C 315 -10.88 2.62 22.97
N LEU C 316 -11.41 1.92 21.98
CA LEU C 316 -10.61 1.43 20.87
C LEU C 316 -10.53 2.52 19.81
N ALA C 317 -9.33 3.07 19.62
CA ALA C 317 -9.12 4.18 18.70
C ALA C 317 -8.09 3.77 17.66
N GLY C 318 -8.54 3.61 16.41
CA GLY C 318 -7.60 3.33 15.35
C GLY C 318 -6.64 4.49 15.14
N TYR C 319 -5.46 4.16 14.63
CA TYR C 319 -4.39 5.14 14.49
C TYR C 319 -3.85 5.12 13.06
N ASP C 320 -3.24 6.24 12.67
CA ASP C 320 -2.67 6.34 11.34
C ASP C 320 -1.52 5.37 11.13
N ASP C 321 -0.73 5.11 12.18
CA ASP C 321 0.35 4.15 12.03
C ASP C 321 -0.23 2.76 11.77
N PHE C 322 0.62 1.87 11.24
CA PHE C 322 0.14 0.65 10.62
C PHE C 322 -0.57 -0.30 11.57
N ASN C 323 -0.68 0.04 12.85
CA ASN C 323 -1.36 -0.79 13.83
C ASN C 323 -2.34 0.04 14.64
N CYS C 324 -3.41 -0.60 15.11
CA CYS C 324 -4.37 0.06 15.98
C CYS C 324 -3.81 0.18 17.39
N ASN C 325 -4.45 1.02 18.20
CA ASN C 325 -4.09 1.23 19.60
C ASN C 325 -5.34 1.25 20.45
N VAL C 326 -5.23 0.72 21.66
CA VAL C 326 -6.34 0.64 22.60
C VAL C 326 -6.08 1.59 23.75
N TRP C 327 -7.07 2.42 24.07
CA TRP C 327 -6.96 3.42 25.11
C TRP C 327 -7.98 3.14 26.21
N ASP C 328 -7.89 3.92 27.28
CA ASP C 328 -8.85 3.88 28.37
C ASP C 328 -9.65 5.18 28.39
N ALA C 329 -10.97 5.06 28.46
CA ALA C 329 -11.81 6.25 28.55
C ALA C 329 -11.57 6.99 29.86
N LEU C 330 -11.38 6.24 30.96
CA LEU C 330 -11.23 6.83 32.28
C LEU C 330 -9.77 7.10 32.62
N LYS C 331 -8.85 6.28 32.12
CA LYS C 331 -7.44 6.38 32.47
C LYS C 331 -6.64 6.87 31.27
N ALA C 332 -5.59 7.65 31.55
CA ALA C 332 -4.78 8.23 30.49
C ALA C 332 -3.80 7.24 29.88
N ASP C 333 -3.54 6.12 30.53
CA ASP C 333 -2.54 5.18 30.03
C ASP C 333 -3.12 4.31 28.91
N ARG C 334 -2.22 3.64 28.20
CA ARG C 334 -2.60 2.75 27.11
C ARG C 334 -2.95 1.38 27.66
N ALA C 335 -4.16 0.91 27.35
CA ALA C 335 -4.56 -0.42 27.79
C ALA C 335 -3.82 -1.51 27.04
N GLY C 336 -3.62 -1.32 25.74
CA GLY C 336 -2.95 -2.32 24.94
C GLY C 336 -2.81 -1.86 23.50
N VAL C 337 -2.40 -2.80 22.65
CA VAL C 337 -2.18 -2.53 21.24
C VAL C 337 -2.86 -3.62 20.42
N LEU C 338 -3.29 -3.27 19.21
CA LEU C 338 -3.91 -4.20 18.28
C LEU C 338 -3.10 -4.17 16.98
N ALA C 339 -2.05 -4.99 16.93
CA ALA C 339 -1.21 -5.08 15.75
C ALA C 339 -1.63 -6.28 14.90
N GLY C 340 -1.31 -6.21 13.61
CA GLY C 340 -1.65 -7.29 12.71
C GLY C 340 -2.17 -6.82 11.37
N HIS C 341 -2.32 -5.50 11.21
CA HIS C 341 -2.81 -4.92 9.97
C HIS C 341 -1.63 -4.41 9.14
N ASP C 342 -1.67 -4.70 7.84
CA ASP C 342 -0.60 -4.32 6.93
C ASP C 342 -0.66 -2.86 6.52
N ASN C 343 -1.68 -2.13 6.95
CA ASN C 343 -1.81 -0.70 6.62
C ASN C 343 -2.54 -0.02 7.77
N ARG C 344 -2.95 1.23 7.54
CA ARG C 344 -3.68 1.97 8.56
C ARG C 344 -5.07 1.38 8.75
N VAL C 345 -5.59 1.53 9.97
CA VAL C 345 -6.99 1.22 10.22
C VAL C 345 -7.84 2.30 9.57
N SER C 346 -8.94 1.90 8.95
CA SER C 346 -9.86 2.86 8.34
C SER C 346 -11.08 3.09 9.25
N CYS C 347 -11.81 2.03 9.55
CA CYS C 347 -12.95 2.10 10.44
C CYS C 347 -12.83 1.01 11.49
N LEU C 348 -13.15 1.35 12.73
CA LEU C 348 -13.07 0.42 13.85
C LEU C 348 -14.50 0.20 14.33
N GLY C 349 -15.20 -0.72 13.71
CA GLY C 349 -16.57 -1.01 14.09
C GLY C 349 -16.62 -1.91 15.31
N VAL C 350 -17.69 -1.74 16.09
CA VAL C 350 -17.94 -2.55 17.27
C VAL C 350 -19.36 -3.08 17.19
N THR C 351 -19.53 -4.37 17.44
CA THR C 351 -20.85 -4.96 17.43
C THR C 351 -21.71 -4.37 18.54
N ASP C 352 -23.01 -4.28 18.28
CA ASP C 352 -23.93 -3.68 19.25
C ASP C 352 -23.93 -4.47 20.56
N ASP C 353 -23.95 -5.80 20.48
CA ASP C 353 -23.90 -6.62 21.67
C ASP C 353 -22.52 -6.64 22.32
N GLY C 354 -21.49 -6.14 21.63
CA GLY C 354 -20.16 -6.08 22.19
C GLY C 354 -19.43 -7.40 22.25
N MET C 355 -19.83 -8.38 21.43
CA MET C 355 -19.19 -9.68 21.43
C MET C 355 -18.05 -9.80 20.44
N ALA C 356 -17.81 -8.77 19.62
CA ALA C 356 -16.75 -8.82 18.64
C ALA C 356 -16.37 -7.40 18.24
N VAL C 357 -15.16 -7.26 17.71
CA VAL C 357 -14.65 -6.00 17.19
C VAL C 357 -13.99 -6.27 15.85
N ALA C 358 -14.43 -5.56 14.82
CA ALA C 358 -13.85 -5.67 13.49
C ALA C 358 -13.21 -4.35 13.10
N THR C 359 -11.96 -4.41 12.66
CA THR C 359 -11.19 -3.22 12.32
C THR C 359 -10.86 -3.28 10.83
N GLY C 360 -11.72 -2.70 10.01
CA GLY C 360 -11.44 -2.58 8.60
C GLY C 360 -10.21 -1.73 8.36
N SER C 361 -9.25 -2.26 7.60
CA SER C 361 -8.00 -1.57 7.35
C SER C 361 -7.83 -1.35 5.85
N TRP C 362 -6.81 -0.58 5.50
CA TRP C 362 -6.49 -0.32 4.12
C TRP C 362 -5.72 -1.45 3.46
N ASP C 363 -5.62 -2.61 4.13
CA ASP C 363 -5.02 -3.81 3.57
C ASP C 363 -6.03 -4.72 2.91
N SER C 364 -7.25 -4.25 2.69
CA SER C 364 -8.33 -5.03 2.07
C SER C 364 -8.70 -6.26 2.90
N PHE C 365 -8.53 -6.18 4.21
CA PHE C 365 -8.90 -7.27 5.11
C PHE C 365 -9.70 -6.70 6.27
N LEU C 366 -10.62 -7.51 6.79
CA LEU C 366 -11.49 -7.14 7.90
C LEU C 366 -11.27 -8.15 9.01
N LYS C 367 -10.27 -7.91 9.85
CA LYS C 367 -9.96 -8.83 10.93
C LYS C 367 -10.91 -8.60 12.10
N ILE C 368 -11.51 -9.67 12.58
CA ILE C 368 -12.44 -9.63 13.71
C ILE C 368 -11.71 -10.15 14.94
N TRP C 369 -11.70 -9.36 15.99
CA TRP C 369 -10.90 -9.65 17.18
C TRP C 369 -11.81 -10.03 18.35
N ASN C 370 -11.38 -11.04 19.10
CA ASN C 370 -12.07 -11.55 20.27
C ASN C 370 -13.47 -12.01 19.86
N GLN D 1 -10.38 26.02 23.31
CA GLN D 1 -10.74 27.02 22.32
C GLN D 1 -9.49 27.63 21.68
N VAL D 2 -9.22 27.24 20.43
CA VAL D 2 -8.11 27.82 19.70
C VAL D 2 -8.46 29.25 19.32
N GLN D 3 -7.50 30.16 19.48
CA GLN D 3 -7.76 31.57 19.21
C GLN D 3 -6.42 32.26 18.97
N LEU D 4 -6.43 33.25 18.08
CA LEU D 4 -5.21 33.95 17.69
C LEU D 4 -5.43 35.46 17.72
N GLN D 5 -4.37 36.19 18.05
CA GLN D 5 -4.35 37.64 18.03
C GLN D 5 -3.11 38.13 17.29
N GLU D 6 -3.20 39.34 16.75
CA GLU D 6 -2.08 39.96 16.08
C GLU D 6 -1.99 41.42 16.48
N SER D 7 -0.79 41.99 16.32
CA SER D 7 -0.53 43.39 16.64
C SER D 7 0.17 44.05 15.47
N GLY D 8 -0.14 45.33 15.27
CA GLY D 8 0.45 46.08 14.18
C GLY D 8 -0.57 46.78 13.32
N GLY D 9 -0.20 47.11 12.09
CA GLY D 9 -1.07 47.82 11.18
C GLY D 9 -0.87 49.32 11.23
N GLY D 10 -1.23 49.96 10.12
CA GLY D 10 -1.12 51.40 9.99
C GLY D 10 -0.29 51.78 8.77
N LEU D 11 -0.19 53.10 8.56
CA LEU D 11 0.55 53.63 7.42
C LEU D 11 2.04 53.34 7.58
N VAL D 12 2.71 53.18 6.44
CA VAL D 12 4.15 52.92 6.43
C VAL D 12 4.92 54.22 6.20
N SER D 17 8.36 50.22 7.55
CA SER D 17 8.55 48.98 8.29
C SER D 17 7.57 48.87 9.45
N LEU D 18 7.15 47.65 9.75
CA LEU D 18 6.16 47.42 10.79
C LEU D 18 6.40 46.04 11.42
N ARG D 19 6.05 45.93 12.69
CA ARG D 19 6.25 44.71 13.46
C ARG D 19 4.95 43.91 13.42
N LEU D 20 4.85 42.98 12.47
CA LEU D 20 3.71 42.08 12.39
C LEU D 20 3.94 40.92 13.35
N SER D 21 3.35 41.02 14.53
CA SER D 21 3.51 40.03 15.60
C SER D 21 2.24 39.22 15.75
N CYS D 22 2.39 37.90 15.86
CA CYS D 22 1.28 36.98 16.01
C CYS D 22 1.21 36.50 17.45
N ALA D 23 0.03 36.64 18.07
CA ALA D 23 -0.21 36.15 19.42
C ALA D 23 -1.04 34.87 19.32
N ALA D 24 -0.42 33.74 19.63
CA ALA D 24 -1.07 32.44 19.53
C ALA D 24 -1.14 31.78 20.89
N SER D 25 -2.22 31.03 21.12
CA SER D 25 -2.42 30.34 22.38
C SER D 25 -3.41 29.21 22.15
N GLY D 26 -3.47 28.30 23.12
CA GLY D 26 -4.37 27.18 23.08
C GLY D 26 -3.84 25.92 22.41
N PHE D 27 -2.65 25.98 21.83
CA PHE D 27 -2.05 24.81 21.20
C PHE D 27 -0.55 24.95 21.20
N THR D 28 0.13 23.81 21.05
CA THR D 28 1.58 23.79 21.05
C THR D 28 2.13 24.52 19.84
N PHE D 29 2.78 25.66 20.07
CA PHE D 29 3.31 26.46 18.97
C PHE D 29 4.47 25.75 18.29
N SER D 30 5.21 24.92 19.03
CA SER D 30 6.41 24.29 18.48
C SER D 30 6.07 23.22 17.45
N ASN D 31 4.98 22.47 17.66
CA ASN D 31 4.67 21.33 16.81
C ASN D 31 4.33 21.77 15.38
N TYR D 32 3.46 22.77 15.25
CA TYR D 32 2.96 23.14 13.94
C TYR D 32 3.83 24.21 13.28
N LYS D 33 3.89 24.15 11.95
CA LYS D 33 4.56 25.18 11.17
C LYS D 33 3.63 26.36 10.93
N MET D 34 4.16 27.41 10.31
CA MET D 34 3.44 28.66 10.14
C MET D 34 3.50 29.10 8.68
N ASN D 35 2.61 30.02 8.32
CA ASN D 35 2.56 30.59 6.98
C ASN D 35 2.06 32.03 7.08
N TRP D 36 2.30 32.78 6.01
CA TRP D 36 1.83 34.16 5.89
C TRP D 36 0.94 34.26 4.66
N VAL D 37 -0.17 35.00 4.79
CA VAL D 37 -1.15 35.15 3.72
C VAL D 37 -1.52 36.63 3.59
N ARG D 38 -1.64 37.08 2.34
CA ARG D 38 -2.05 38.44 2.03
C ARG D 38 -3.33 38.41 1.20
N GLN D 39 -4.13 39.47 1.33
CA GLN D 39 -5.37 39.58 0.57
C GLN D 39 -5.42 40.89 -0.21
N GLY D 44 -7.83 37.29 -3.31
CA GLY D 44 -6.62 36.54 -3.58
C GLY D 44 -6.30 35.49 -2.54
N LEU D 45 -5.97 35.95 -1.33
CA LEU D 45 -5.66 35.07 -0.20
C LEU D 45 -4.47 34.16 -0.53
N GLU D 46 -3.35 34.77 -0.92
CA GLU D 46 -2.24 34.02 -1.45
C GLU D 46 -1.19 33.81 -0.35
N TRP D 47 -0.57 32.63 -0.35
CA TRP D 47 0.46 32.27 0.60
C TRP D 47 1.73 33.07 0.35
N VAL D 48 2.51 33.30 1.42
CA VAL D 48 3.68 34.17 1.32
C VAL D 48 4.95 33.40 1.63
N SER D 49 5.09 32.93 2.86
CA SER D 49 6.32 32.27 3.26
C SER D 49 6.06 31.38 4.46
N ASP D 50 6.98 30.47 4.72
CA ASP D 50 6.84 29.49 5.78
C ASP D 50 8.14 29.33 6.55
N ILE D 51 8.02 28.81 7.77
CA ILE D 51 9.16 28.47 8.61
C ILE D 51 8.96 27.04 9.10
N SER D 52 9.96 26.19 8.85
CA SER D 52 9.87 24.80 9.27
C SER D 52 9.94 24.71 10.80
N GLN D 53 9.94 23.47 11.29
CA GLN D 53 9.80 23.24 12.73
C GLN D 53 11.02 23.73 13.51
N SER D 54 12.21 23.65 12.92
CA SER D 54 13.45 24.04 13.60
C SER D 54 13.89 25.45 13.27
N GLY D 55 13.06 26.23 12.57
CA GLY D 55 13.48 27.55 12.13
C GLY D 55 14.44 27.55 10.97
N ALA D 56 14.42 26.50 10.15
CA ALA D 56 15.28 26.40 8.97
C ALA D 56 14.41 26.00 7.79
N SER D 57 15.04 25.67 6.67
CA SER D 57 14.34 25.31 5.44
C SER D 57 13.36 26.39 5.02
N ILE D 58 13.73 27.65 5.20
CA ILE D 58 12.81 28.75 4.93
C ILE D 58 12.66 28.93 3.43
N SER D 59 11.41 29.06 2.99
CA SER D 59 11.09 29.32 1.60
C SER D 59 10.21 30.55 1.52
N TYR D 60 10.37 31.29 0.42
CA TYR D 60 9.68 32.57 0.24
C TYR D 60 8.92 32.57 -1.07
N THR D 61 7.81 33.29 -1.10
CA THR D 61 7.21 33.67 -2.37
C THR D 61 8.16 34.62 -3.09
N GLY D 62 8.24 34.48 -4.40
CA GLY D 62 9.26 35.21 -5.15
C GLY D 62 9.19 36.71 -4.97
N SER D 63 7.98 37.27 -4.95
CA SER D 63 7.81 38.71 -4.81
C SER D 63 7.98 39.14 -3.35
N VAL D 64 8.53 38.25 -2.52
CA VAL D 64 8.73 38.51 -1.10
C VAL D 64 10.17 38.23 -0.67
N LYS D 65 10.96 37.52 -1.49
CA LYS D 65 12.26 37.04 -1.06
C LYS D 65 13.18 38.19 -0.65
N GLY D 66 13.18 39.27 -1.42
CA GLY D 66 14.08 40.37 -1.14
C GLY D 66 13.55 41.39 -0.16
N ARG D 67 12.30 41.82 -0.34
CA ARG D 67 11.79 42.96 0.42
C ARG D 67 11.53 42.58 1.88
N PHE D 68 10.98 41.39 2.13
CA PHE D 68 10.45 41.05 3.44
C PHE D 68 11.34 40.01 4.12
N THR D 69 11.15 39.88 5.43
CA THR D 69 11.90 38.93 6.26
C THR D 69 10.99 38.42 7.35
N ILE D 70 11.17 37.15 7.71
CA ILE D 70 10.36 36.48 8.73
C ILE D 70 11.27 35.89 9.79
N SER D 71 10.68 35.54 10.93
CA SER D 71 11.39 34.90 12.03
C SER D 71 10.36 34.24 12.94
N ARG D 72 10.84 33.34 13.79
CA ARG D 72 10.00 32.63 14.74
C ARG D 72 10.58 32.78 16.14
N ASP D 73 9.69 32.98 17.11
CA ASP D 73 10.05 33.05 18.51
C ASP D 73 9.18 32.08 19.30
N ASN D 74 9.78 31.39 20.25
CA ASN D 74 9.08 30.40 21.06
C ASN D 74 8.47 31.05 22.31
N ASN D 77 5.58 31.13 20.73
CA ASN D 77 4.16 31.47 20.65
C ASN D 77 3.95 32.70 19.79
N THR D 78 5.01 33.16 19.13
CA THR D 78 4.95 34.38 18.35
C THR D 78 5.67 34.18 17.02
N LEU D 79 5.17 34.85 15.98
CA LEU D 79 5.81 34.87 14.67
C LEU D 79 5.97 36.32 14.24
N TYR D 80 7.13 36.63 13.66
CA TYR D 80 7.49 38.00 13.33
C TYR D 80 7.73 38.15 11.83
N LEU D 81 7.16 39.21 11.26
CA LEU D 81 7.45 39.62 9.88
C LEU D 81 7.73 41.11 9.90
N GLN D 82 8.62 41.55 9.02
CA GLN D 82 9.00 42.96 8.94
C GLN D 82 8.67 43.50 7.56
N MET D 83 7.86 44.57 7.54
CA MET D 83 7.51 45.23 6.29
C MET D 83 8.73 45.99 5.77
N ASN D 84 8.91 45.96 4.45
CA ASN D 84 10.08 46.60 3.85
C ASN D 84 10.05 48.11 4.07
N THR D 91 0.64 45.42 2.07
CA THR D 91 -0.23 46.47 1.56
C THR D 91 -1.69 46.09 1.66
N ALA D 92 -1.96 44.95 2.29
CA ALA D 92 -3.30 44.42 2.42
C ALA D 92 -3.45 43.82 3.81
N VAL D 93 -4.52 43.03 4.00
CA VAL D 93 -4.72 42.34 5.27
C VAL D 93 -3.75 41.18 5.38
N TYR D 94 -3.22 40.97 6.58
CA TYR D 94 -2.24 39.91 6.84
C TYR D 94 -2.76 39.01 7.96
N TYR D 95 -3.52 37.99 7.61
CA TYR D 95 -3.84 36.95 8.58
C TYR D 95 -2.59 36.17 8.94
N CYS D 96 -2.55 35.66 10.16
CA CYS D 96 -1.46 34.79 10.60
C CYS D 96 -1.96 33.35 10.59
N ALA D 97 -1.38 32.52 9.72
CA ALA D 97 -1.89 31.20 9.44
C ALA D 97 -0.89 30.13 9.87
N ARG D 98 -1.43 28.95 10.19
CA ARG D 98 -0.63 27.80 10.55
C ARG D 98 -1.21 26.57 9.87
N CYS D 99 -0.56 25.45 10.05
CA CYS D 99 -0.95 24.26 9.32
C CYS D 99 -1.53 23.20 10.26
N PRO D 100 -2.42 22.34 9.77
CA PRO D 100 -3.09 21.39 10.67
C PRO D 100 -2.22 20.20 11.05
N ALA D 101 -1.18 19.95 10.28
CA ALA D 101 -0.30 18.82 10.54
C ALA D 101 0.55 19.10 11.78
N PRO D 102 0.55 18.23 12.78
CA PRO D 102 1.32 18.51 13.99
C PRO D 102 2.79 18.10 13.91
N PHE D 103 3.10 17.06 13.15
CA PHE D 103 4.46 16.49 13.14
C PHE D 103 4.91 16.12 11.73
N THR D 104 4.37 16.79 10.71
CA THR D 104 4.81 16.54 9.36
C THR D 104 4.62 17.81 8.54
N ARG D 105 5.36 17.89 7.43
CA ARG D 105 5.51 19.13 6.69
C ARG D 105 4.59 19.25 5.48
N ASP D 106 3.48 18.52 5.46
CA ASP D 106 2.44 18.76 4.48
C ASP D 106 1.48 19.82 5.01
N CYS D 107 0.89 20.60 4.10
CA CYS D 107 0.03 21.70 4.51
C CYS D 107 -0.85 22.07 3.33
N PHE D 108 -2.16 21.86 3.46
CA PHE D 108 -3.06 21.87 2.32
C PHE D 108 -3.93 23.11 2.23
N ASP D 109 -4.61 23.48 3.31
CA ASP D 109 -5.77 24.37 3.23
C ASP D 109 -5.53 25.72 3.91
N VAL D 110 -4.29 26.20 3.91
CA VAL D 110 -4.03 27.55 4.40
C VAL D 110 -4.68 28.58 3.48
N THR D 111 -4.53 28.40 2.17
CA THR D 111 -5.14 29.34 1.22
C THR D 111 -6.65 29.18 1.13
N SER D 112 -7.20 28.14 1.75
CA SER D 112 -8.62 27.85 1.58
C SER D 112 -9.48 28.92 2.24
N THR D 113 -10.70 29.06 1.75
CA THR D 113 -11.66 29.99 2.29
C THR D 113 -12.32 29.40 3.54
N THR D 114 -12.58 30.26 4.52
CA THR D 114 -13.17 29.88 5.80
C THR D 114 -12.32 28.85 6.54
N TYR D 115 -11.00 28.93 6.40
CA TYR D 115 -10.11 28.08 7.15
C TYR D 115 -9.97 28.60 8.58
N ALA D 116 -10.20 27.72 9.55
CA ALA D 116 -10.34 28.17 10.94
C ALA D 116 -9.01 28.62 11.53
N TYR D 117 -7.93 27.88 11.25
CA TYR D 117 -6.65 28.13 11.91
C TYR D 117 -5.91 29.25 11.18
N ARG D 118 -6.51 30.44 11.27
CA ARG D 118 -5.97 31.62 10.60
C ARG D 118 -6.22 32.84 11.46
N GLY D 119 -5.44 33.88 11.21
CA GLY D 119 -5.51 35.10 12.00
C GLY D 119 -6.65 36.01 11.60
N GLN D 120 -6.81 37.08 12.40
CA GLN D 120 -7.84 38.07 12.16
C GLN D 120 -7.37 39.24 11.31
N GLY D 121 -6.07 39.47 11.22
CA GLY D 121 -5.53 40.38 10.23
C GLY D 121 -5.20 41.75 10.78
N THR D 122 -4.20 42.39 10.19
CA THR D 122 -3.83 43.77 10.46
C THR D 122 -3.69 44.49 9.13
N GLN D 123 -4.29 45.68 9.05
CA GLN D 123 -4.32 46.44 7.81
C GLN D 123 -3.08 47.31 7.70
N VAL D 124 -2.23 47.02 6.72
CA VAL D 124 -1.01 47.77 6.48
C VAL D 124 -1.10 48.42 5.10
N THR D 125 -0.42 49.55 4.94
CA THR D 125 -0.44 50.28 3.68
C THR D 125 0.96 50.77 3.31
CAA Y01 E . 13.93 -37.20 -15.69
CBA Y01 E . 14.05 -36.09 -14.61
CAB Y01 E . 15.40 -36.20 -13.88
CAN Y01 E . 13.90 -34.66 -15.29
CAJ Y01 E . 13.96 -33.56 -14.17
CAO Y01 E . 13.55 -32.16 -14.77
CBB Y01 E . 12.22 -31.68 -14.18
CAC Y01 E . 12.20 -31.94 -12.69
CBE Y01 E . 12.02 -30.15 -14.37
CAP Y01 E . 13.29 -29.43 -15.08
CAQ Y01 E . 12.67 -28.26 -15.95
CBG Y01 E . 11.18 -28.31 -15.45
CBI Y01 E . 10.93 -29.83 -15.19
CAE Y01 E . 10.98 -30.60 -16.55
CAU Y01 E . 9.35 -30.04 -14.49
CAS Y01 E . 8.37 -29.07 -15.45
CBF Y01 E . 8.83 -27.87 -15.52
CBD Y01 E . 10.25 -27.86 -16.34
CAK Y01 E . 10.53 -26.37 -16.80
CAI Y01 E . 9.59 -25.57 -16.75
CAZ Y01 E . 8.44 -25.72 -16.57
CAV Y01 E . 7.57 -24.41 -16.56
CBH Y01 E . 7.83 -26.85 -16.38
CAD Y01 E . 7.39 -27.49 -17.70
CAT Y01 E . 6.51 -26.62 -15.50
CAR Y01 E . 6.83 -25.52 -14.50
CBC Y01 E . 6.99 -24.20 -15.17
OAW Y01 E . 5.72 -23.58 -15.28
CAY Y01 E . 5.62 -22.40 -14.51
OAG Y01 E . 6.54 -22.03 -13.87
CAM Y01 E . 4.29 -21.59 -14.48
CAL Y01 E . 4.50 -20.34 -13.62
CAX Y01 E . 3.27 -19.42 -13.75
OAH Y01 E . 2.93 -18.99 -14.89
OAF Y01 E . 2.59 -19.12 -12.73
#